data_6E0Y
#
_entry.id   6E0Y
#
_cell.length_a   48.031
_cell.length_b   80.941
_cell.length_c   120.598
_cell.angle_alpha   90.00
_cell.angle_beta   96.03
_cell.angle_gamma   90.00
#
_symmetry.space_group_name_H-M   'P 1 21 1'
#
loop_
_entity.id
_entity.type
_entity.pdbx_description
1 polymer 'Cytochrome P460'
2 non-polymer 'HEME C'
3 non-polymer HYDROXYAMINE
4 water water
#
_entity_poly.entity_id   1
_entity_poly.type   'polypeptide(L)'
_entity_poly.pdbx_seq_one_letter_code
;SDAHHAHKGLNYGSFTKEHVLLTPKGYREWVFIGASVTPNELNDDKAAFPEFHNVYIDPTSWGHWKKTGEFRDGTVIVKE
LAGVGSKASPSGNGYFPGEFNGIQAMVKDSKRYPERPGNWAFFGFESYEAKQGIIQTDETCAACHKEHAAHDMVFTQFYP
VLRAGKPSK
;
_entity_poly.pdbx_strand_id   A,B,C,D
#
loop_
_chem_comp.id
_chem_comp.type
_chem_comp.name
_chem_comp.formula
HEC non-polymer 'HEME C' 'C34 H34 Fe N4 O4'
HOA non-polymer HYDROXYAMINE 'H3 N O'
#
# COMPACT_ATOMS: atom_id res chain seq x y z
N LYS A 8 -18.38 45.28 0.09
CA LYS A 8 -19.62 44.59 0.46
C LYS A 8 -19.39 43.07 0.45
N GLY A 9 -19.96 42.33 1.40
CA GLY A 9 -19.86 40.88 1.40
C GLY A 9 -21.08 40.23 0.78
N LEU A 10 -20.92 38.99 0.30
CA LEU A 10 -22.04 38.25 -0.26
C LEU A 10 -22.87 37.60 0.84
N ASN A 11 -24.16 37.45 0.57
CA ASN A 11 -25.12 36.87 1.49
C ASN A 11 -25.32 35.40 1.14
N TYR A 12 -25.03 34.51 2.10
CA TYR A 12 -24.96 33.10 1.73
C TYR A 12 -26.25 32.32 1.93
N GLY A 13 -27.18 32.82 2.73
CA GLY A 13 -28.47 32.16 2.84
C GLY A 13 -29.53 32.84 1.97
N SER A 14 -30.54 32.07 1.55
CA SER A 14 -31.72 32.61 0.88
C SER A 14 -32.95 32.37 1.75
N PHE A 15 -33.88 33.34 1.78
CA PHE A 15 -34.97 33.31 2.73
C PHE A 15 -36.34 33.54 2.08
N THR A 16 -37.37 32.88 2.61
CA THR A 16 -38.75 33.08 2.19
C THR A 16 -39.27 34.45 2.65
N LYS A 17 -40.49 34.77 2.21
CA LYS A 17 -41.11 36.03 2.62
C LYS A 17 -41.30 36.09 4.14
N GLU A 18 -41.49 34.94 4.78
CA GLU A 18 -41.67 34.84 6.22
C GLU A 18 -40.34 34.66 6.96
N HIS A 19 -39.22 34.91 6.27
CA HIS A 19 -37.87 34.89 6.83
C HIS A 19 -37.41 33.48 7.21
N VAL A 20 -37.96 32.46 6.56
CA VAL A 20 -37.55 31.07 6.77
C VAL A 20 -36.37 30.77 5.84
N LEU A 21 -35.33 30.14 6.38
CA LEU A 21 -34.16 29.81 5.59
C LEU A 21 -34.50 28.70 4.60
N LEU A 22 -34.30 28.96 3.32
CA LEU A 22 -34.40 27.91 2.31
C LEU A 22 -33.26 26.93 2.48
N THR A 23 -33.51 25.68 2.12
CA THR A 23 -32.56 24.60 2.31
C THR A 23 -31.21 24.98 1.67
N PRO A 24 -30.13 25.01 2.46
CA PRO A 24 -28.86 25.54 1.92
C PRO A 24 -28.24 24.60 0.91
N LYS A 25 -27.82 25.18 -0.22
CA LYS A 25 -27.08 24.49 -1.26
C LYS A 25 -25.62 24.92 -1.21
N GLY A 26 -24.71 23.98 -1.45
CA GLY A 26 -23.30 24.34 -1.51
C GLY A 26 -22.61 24.57 -0.17
N TYR A 27 -23.23 24.19 0.95
CA TYR A 27 -22.59 24.44 2.24
C TYR A 27 -21.33 23.60 2.44
N ARG A 28 -21.23 22.44 1.76
CA ARG A 28 -20.01 21.63 1.84
C ARG A 28 -18.79 22.36 1.27
N GLU A 29 -19.01 23.44 0.53
CA GLU A 29 -17.93 24.31 0.08
C GLU A 29 -17.81 25.57 0.94
N TRP A 30 -18.51 25.62 2.08
CA TRP A 30 -18.27 26.67 3.05
C TRP A 30 -17.05 26.31 3.89
N VAL A 31 -16.85 26.98 5.02
CA VAL A 31 -15.64 26.81 5.81
C VAL A 31 -15.94 25.89 6.98
N PHE A 32 -15.23 24.77 7.02
CA PHE A 32 -15.40 23.77 8.04
C PHE A 32 -14.76 24.27 9.33
N ILE A 33 -15.46 24.10 10.47
CA ILE A 33 -14.96 24.60 11.74
C ILE A 33 -14.80 23.51 12.80
N GLY A 34 -15.28 22.29 12.57
CA GLY A 34 -14.97 21.19 13.46
C GLY A 34 -15.98 20.08 13.33
N ALA A 35 -15.60 18.93 13.90
CA ALA A 35 -16.42 17.72 13.83
C ALA A 35 -16.35 16.96 15.16
N SER A 36 -17.51 16.48 15.61
CA SER A 36 -17.63 15.69 16.82
C SER A 36 -18.42 14.44 16.50
N VAL A 37 -18.47 13.50 17.43
CA VAL A 37 -19.25 12.29 17.18
C VAL A 37 -19.92 11.83 18.46
N THR A 38 -21.25 11.72 18.43
CA THR A 38 -22.04 11.12 19.51
C THR A 38 -22.59 9.80 18.98
N PRO A 39 -21.87 8.68 19.13
CA PRO A 39 -22.34 7.42 18.54
C PRO A 39 -23.55 6.89 19.29
N ASN A 40 -24.39 6.15 18.56
CA ASN A 40 -25.58 5.55 19.19
C ASN A 40 -25.19 4.63 20.36
N GLU A 41 -24.21 3.76 20.15
CA GLU A 41 -23.86 2.75 21.15
C GLU A 41 -23.34 3.34 22.46
N LEU A 42 -22.98 4.62 22.49
CA LEU A 42 -22.60 5.25 23.73
C LEU A 42 -23.73 6.10 24.30
N ASN A 43 -24.93 6.00 23.76
CA ASN A 43 -26.06 6.79 24.22
C ASN A 43 -27.32 5.93 24.19
N ASP A 44 -27.22 4.73 24.78
CA ASP A 44 -28.34 3.81 24.93
C ASP A 44 -29.00 3.46 23.60
N ASP A 45 -28.20 3.42 22.54
CA ASP A 45 -28.56 3.03 21.18
C ASP A 45 -29.44 4.05 20.47
N LYS A 46 -29.77 5.18 21.09
CA LYS A 46 -30.46 6.28 20.41
C LYS A 46 -29.80 7.59 20.86
N ALA A 47 -28.87 8.10 20.06
CA ALA A 47 -28.32 9.43 20.31
C ALA A 47 -29.31 10.50 19.92
N ALA A 48 -29.26 11.62 20.63
CA ALA A 48 -30.13 12.74 20.30
C ALA A 48 -29.92 13.18 18.86
N PHE A 49 -28.67 13.22 18.40
CA PHE A 49 -28.34 13.68 17.05
C PHE A 49 -27.31 12.71 16.47
N PRO A 50 -27.76 11.67 15.79
CA PRO A 50 -26.84 10.65 15.28
C PRO A 50 -26.17 11.05 13.98
N GLU A 51 -24.85 10.82 13.86
CA GLU A 51 -23.93 10.47 14.95
C GLU A 51 -22.70 11.36 14.84
N PHE A 52 -22.01 11.27 13.71
CA PHE A 52 -21.01 12.27 13.37
C PHE A 52 -21.68 13.61 13.08
N HIS A 53 -21.04 14.71 13.51
CA HIS A 53 -21.49 16.07 13.18
C HIS A 53 -20.35 16.84 12.52
N ASN A 54 -20.52 17.21 11.24
CA ASN A 54 -19.59 18.09 10.52
C ASN A 54 -20.17 19.50 10.40
N VAL A 55 -19.41 20.51 10.81
CA VAL A 55 -19.98 21.85 10.99
C VAL A 55 -19.27 22.84 10.10
N TYR A 56 -20.05 23.76 9.52
CA TYR A 56 -19.59 24.75 8.56
C TYR A 56 -20.13 26.14 8.86
N ILE A 57 -19.32 27.16 8.59
CA ILE A 57 -19.73 28.55 8.64
C ILE A 57 -19.59 29.16 7.25
N ASP A 58 -20.53 30.02 6.89
CA ASP A 58 -20.49 30.59 5.55
C ASP A 58 -19.21 31.41 5.38
N PRO A 59 -18.66 31.48 4.15
CA PRO A 59 -17.35 32.13 3.95
C PRO A 59 -17.33 33.61 4.31
N THR A 60 -18.46 34.31 4.17
CA THR A 60 -18.45 35.74 4.47
C THR A 60 -18.29 35.97 5.97
N SER A 61 -19.06 35.24 6.78
CA SER A 61 -18.92 35.36 8.23
C SER A 61 -17.58 34.82 8.72
N TRP A 62 -16.93 33.92 7.97
CA TRP A 62 -15.58 33.51 8.33
C TRP A 62 -14.60 34.67 8.17
N GLY A 63 -14.67 35.39 7.05
CA GLY A 63 -13.86 36.60 6.91
C GLY A 63 -14.09 37.57 8.04
N HIS A 64 -15.36 37.74 8.46
CA HIS A 64 -15.63 38.67 9.54
C HIS A 64 -15.15 38.12 10.88
N TRP A 65 -15.32 36.81 11.11
CA TRP A 65 -14.79 36.23 12.34
C TRP A 65 -13.27 36.32 12.40
N LYS A 66 -12.61 36.16 11.25
CA LYS A 66 -11.16 36.28 11.21
C LYS A 66 -10.69 37.65 11.69
N LYS A 67 -11.48 38.69 11.43
CA LYS A 67 -11.09 40.05 11.76
C LYS A 67 -11.66 40.55 13.09
N THR A 68 -12.67 39.86 13.67
CA THR A 68 -13.32 40.40 14.86
C THR A 68 -13.51 39.41 16.01
N GLY A 69 -13.67 38.13 15.72
CA GLY A 69 -14.02 37.20 16.78
C GLY A 69 -15.48 37.23 17.18
N GLU A 70 -16.34 37.81 16.36
CA GLU A 70 -17.77 37.74 16.63
C GLU A 70 -18.47 37.27 15.37
N PHE A 71 -19.68 36.78 15.57
CA PHE A 71 -20.57 36.37 14.49
C PHE A 71 -21.37 37.58 14.00
N ARG A 72 -21.12 38.00 12.76
CA ARG A 72 -21.81 39.13 12.17
C ARG A 72 -23.31 38.87 12.04
N ASP A 73 -24.05 39.94 11.73
CA ASP A 73 -25.42 39.78 11.23
C ASP A 73 -25.35 39.14 9.85
N GLY A 74 -26.04 38.01 9.68
CA GLY A 74 -25.93 37.23 8.46
C GLY A 74 -25.14 35.94 8.57
N THR A 75 -24.63 35.59 9.76
CA THR A 75 -23.94 34.32 9.95
C THR A 75 -24.91 33.16 9.68
N VAL A 76 -24.46 32.20 8.87
CA VAL A 76 -25.14 30.92 8.73
C VAL A 76 -24.15 29.82 9.13
N ILE A 77 -24.56 29.00 10.08
CA ILE A 77 -23.83 27.80 10.45
C ILE A 77 -24.71 26.61 10.13
N VAL A 78 -24.15 25.65 9.42
CA VAL A 78 -24.81 24.38 9.10
C VAL A 78 -24.07 23.26 9.82
N LYS A 79 -24.83 22.40 10.51
CA LYS A 79 -24.31 21.18 11.12
C LYS A 79 -24.82 20.00 10.29
N GLU A 80 -23.89 19.23 9.74
CA GLU A 80 -24.24 18.08 8.91
C GLU A 80 -24.01 16.79 9.69
N LEU A 81 -25.04 15.95 9.73
CA LEU A 81 -25.02 14.72 10.50
C LEU A 81 -24.75 13.54 9.57
N ALA A 82 -23.98 12.56 10.07
CA ALA A 82 -23.71 11.35 9.32
C ALA A 82 -23.62 10.17 10.27
N GLY A 83 -23.86 8.97 9.74
CA GLY A 83 -23.79 7.77 10.54
C GLY A 83 -22.37 7.35 10.81
N VAL A 84 -22.20 6.55 11.87
CA VAL A 84 -20.95 5.83 12.04
C VAL A 84 -20.91 4.70 11.01
N GLY A 85 -19.84 4.67 10.23
CA GLY A 85 -19.72 3.65 9.20
C GLY A 85 -18.95 2.45 9.67
N SER A 86 -18.01 2.63 10.61
CA SER A 86 -17.25 1.51 11.14
C SER A 86 -16.54 1.95 12.42
N LYS A 87 -15.99 0.96 13.11
CA LYS A 87 -15.33 1.14 14.40
C LYS A 87 -13.86 0.77 14.38
N ALA A 88 -13.33 0.30 13.27
CA ALA A 88 -11.93 -0.04 13.23
C ALA A 88 -11.49 0.06 11.78
N SER A 89 -10.26 0.45 11.57
CA SER A 89 -9.74 0.67 10.23
C SER A 89 -8.25 0.42 10.32
N PRO A 90 -7.48 0.47 9.23
CA PRO A 90 -6.03 0.22 9.37
C PRO A 90 -5.32 1.25 10.24
N SER A 91 -5.95 2.38 10.58
CA SER A 91 -5.30 3.33 11.46
C SER A 91 -5.56 3.03 12.94
N GLY A 92 -6.54 2.19 13.26
CA GLY A 92 -6.78 1.76 14.62
C GLY A 92 -8.25 1.74 14.94
N ASN A 93 -8.55 1.64 16.22
CA ASN A 93 -9.92 1.58 16.72
C ASN A 93 -10.51 2.98 16.87
N GLY A 94 -11.80 3.09 16.61
CA GLY A 94 -12.46 4.35 16.89
C GLY A 94 -13.78 4.47 16.18
N TYR A 95 -14.01 5.60 15.51
CA TYR A 95 -15.25 5.86 14.78
C TYR A 95 -14.90 6.53 13.46
N PHE A 96 -15.53 6.05 12.39
CA PHE A 96 -15.26 6.53 11.05
C PHE A 96 -16.61 6.68 10.36
N PRO A 97 -16.77 7.70 9.53
CA PRO A 97 -18.11 8.04 9.04
C PRO A 97 -18.58 7.08 7.97
N GLY A 98 -19.90 6.96 7.87
CA GLY A 98 -20.57 6.24 6.80
C GLY A 98 -21.32 7.15 5.86
N GLU A 99 -22.65 7.22 5.98
CA GLU A 99 -23.50 7.98 5.06
C GLU A 99 -24.08 9.20 5.74
N PHE A 100 -24.52 10.15 4.90
CA PHE A 100 -25.12 11.38 5.38
C PHE A 100 -26.52 11.13 5.88
N ASN A 101 -26.88 11.79 6.99
CA ASN A 101 -28.19 11.68 7.66
C ASN A 101 -29.07 12.90 7.50
N GLY A 102 -28.53 14.11 7.55
CA GLY A 102 -29.37 15.29 7.54
C GLY A 102 -28.58 16.50 8.01
N ILE A 103 -29.31 17.62 8.15
CA ILE A 103 -28.69 18.88 8.53
C ILE A 103 -29.57 19.63 9.52
N GLN A 104 -28.90 20.39 10.40
CA GLN A 104 -29.50 21.47 11.15
C GLN A 104 -28.79 22.76 10.76
N ALA A 105 -29.39 23.90 11.09
CA ALA A 105 -28.77 25.19 10.76
C ALA A 105 -29.16 26.22 11.82
N MET A 106 -28.34 27.27 11.92
CA MET A 106 -28.74 28.43 12.71
C MET A 106 -28.27 29.69 11.98
N VAL A 107 -29.05 30.76 12.13
CA VAL A 107 -28.86 32.02 11.40
C VAL A 107 -28.94 33.18 12.39
N LYS A 108 -27.97 34.08 12.36
CA LYS A 108 -27.95 35.25 13.23
C LYS A 108 -28.36 36.48 12.43
N ASP A 109 -29.43 37.15 12.86
CA ASP A 109 -29.90 38.31 12.11
C ASP A 109 -30.81 39.16 13.00
N SER A 110 -30.28 40.30 13.47
CA SER A 110 -31.08 41.21 14.29
C SER A 110 -32.28 41.77 13.54
N LYS A 111 -32.18 41.95 12.22
CA LYS A 111 -33.30 42.49 11.47
C LYS A 111 -34.42 41.45 11.33
N ARG A 112 -34.07 40.21 11.02
CA ARG A 112 -35.09 39.20 10.75
C ARG A 112 -35.63 38.54 12.01
N TYR A 113 -34.83 38.48 13.08
CA TYR A 113 -35.21 37.78 14.31
C TYR A 113 -34.92 38.64 15.54
N PRO A 114 -35.59 39.79 15.67
CA PRO A 114 -35.24 40.69 16.79
C PRO A 114 -35.68 40.16 18.15
N GLU A 115 -36.70 39.30 18.22
CA GLU A 115 -37.15 38.75 19.50
C GLU A 115 -36.45 37.46 19.89
N ARG A 116 -35.62 36.93 19.06
CA ARG A 116 -35.10 35.62 19.47
C ARG A 116 -33.80 35.78 20.26
N PRO A 117 -33.55 34.87 21.21
CA PRO A 117 -32.31 34.95 22.01
C PRO A 117 -31.06 34.97 21.13
N GLY A 118 -30.23 36.00 21.33
CA GLY A 118 -29.05 36.23 20.53
C GLY A 118 -29.32 36.63 19.09
N ASN A 119 -30.59 36.76 18.70
CA ASN A 119 -30.97 36.97 17.29
C ASN A 119 -30.61 35.76 16.44
N TRP A 120 -30.59 34.57 17.03
CA TRP A 120 -30.37 33.33 16.28
C TRP A 120 -31.72 32.68 16.02
N ALA A 121 -31.94 32.27 14.78
CA ALA A 121 -33.05 31.41 14.41
C ALA A 121 -32.48 30.01 14.14
N PHE A 122 -33.06 29.01 14.79
CA PHE A 122 -32.58 27.63 14.70
C PHE A 122 -33.52 26.88 13.76
N PHE A 123 -32.95 26.16 12.80
CA PHE A 123 -33.75 25.52 11.77
C PHE A 123 -33.54 24.01 11.74
N GLY A 124 -34.64 23.28 11.68
CA GLY A 124 -34.61 21.87 11.39
C GLY A 124 -35.00 21.64 9.93
N PHE A 125 -34.69 20.44 9.43
CA PHE A 125 -34.92 20.12 8.03
C PHE A 125 -35.47 18.71 7.95
N GLU A 126 -36.63 18.57 7.33
CA GLU A 126 -37.29 17.27 7.28
C GLU A 126 -36.61 16.29 6.34
N SER A 127 -35.82 16.79 5.39
CA SER A 127 -35.04 15.93 4.50
C SER A 127 -34.13 16.83 3.67
N TYR A 128 -33.20 16.20 2.96
CA TYR A 128 -32.40 16.94 2.00
C TYR A 128 -33.22 17.43 0.82
N GLU A 129 -34.43 16.91 0.65
CA GLU A 129 -35.26 17.25 -0.49
C GLU A 129 -36.18 18.42 -0.20
N ALA A 130 -36.37 18.76 1.07
CA ALA A 130 -37.30 19.81 1.44
C ALA A 130 -36.91 21.15 0.81
N LYS A 131 -37.90 22.02 0.67
CA LYS A 131 -37.65 23.32 0.07
C LYS A 131 -37.04 24.27 1.09
N GLN A 132 -37.48 24.19 2.33
CA GLN A 132 -37.03 25.13 3.35
C GLN A 132 -36.91 24.41 4.69
N GLY A 133 -36.29 25.10 5.65
CA GLY A 133 -36.22 24.61 7.00
C GLY A 133 -37.50 24.90 7.76
N ILE A 134 -37.53 24.42 8.99
CA ILE A 134 -38.64 24.66 9.92
C ILE A 134 -38.05 25.35 11.13
N ILE A 135 -38.52 26.57 11.40
CA ILE A 135 -37.97 27.36 12.49
C ILE A 135 -38.36 26.74 13.82
N GLN A 136 -37.45 26.77 14.77
CA GLN A 136 -37.61 26.02 16.01
C GLN A 136 -37.99 26.92 17.17
N THR A 137 -38.77 26.35 18.06
CA THR A 137 -39.12 26.97 19.34
C THR A 137 -37.89 27.19 20.21
N ASP A 138 -37.94 28.24 21.04
CA ASP A 138 -36.81 28.60 21.90
C ASP A 138 -36.41 27.44 22.81
N GLU A 139 -37.37 26.72 23.36
CA GLU A 139 -37.02 25.61 24.24
C GLU A 139 -36.38 24.46 23.49
N THR A 140 -36.64 24.32 22.19
CA THR A 140 -36.18 23.12 21.47
C THR A 140 -34.69 23.20 21.13
N CYS A 141 -34.13 24.39 20.97
CA CYS A 141 -32.75 24.50 20.55
C CYS A 141 -32.00 25.56 21.37
N ALA A 142 -32.50 26.80 21.35
CA ALA A 142 -31.74 27.92 21.92
C ALA A 142 -31.44 27.73 23.41
N ALA A 143 -32.30 27.02 24.14
CA ALA A 143 -32.09 26.85 25.59
C ALA A 143 -30.79 26.10 25.89
N CYS A 144 -30.62 24.92 25.28
CA CYS A 144 -29.37 24.17 25.49
C CYS A 144 -28.15 24.95 25.02
N HIS A 145 -28.28 25.77 23.97
CA HIS A 145 -27.14 26.50 23.44
C HIS A 145 -26.75 27.68 24.33
N LYS A 146 -27.73 28.48 24.79
CA LYS A 146 -27.39 29.60 25.66
C LYS A 146 -26.83 29.13 26.99
N GLU A 147 -27.40 28.04 27.52
CA GLU A 147 -26.96 27.49 28.79
C GLU A 147 -25.50 27.03 28.74
N HIS A 148 -25.04 26.52 27.60
CA HIS A 148 -23.79 25.76 27.60
C HIS A 148 -22.74 26.19 26.58
N ALA A 149 -23.11 26.85 25.48
CA ALA A 149 -22.14 27.19 24.46
C ALA A 149 -21.18 28.26 24.96
N ALA A 150 -19.92 28.17 24.52
CA ALA A 150 -18.89 29.04 25.07
C ALA A 150 -18.89 30.45 24.50
N HIS A 151 -19.52 30.69 23.35
CA HIS A 151 -19.47 32.05 22.81
C HIS A 151 -20.70 32.31 21.94
N ASP A 152 -21.51 33.28 22.36
CA ASP A 152 -22.65 33.75 21.58
C ASP A 152 -23.48 32.58 21.08
N MET A 153 -23.74 31.62 21.96
CA MET A 153 -24.62 30.48 21.71
C MET A 153 -24.09 29.54 20.63
N VAL A 154 -22.80 29.61 20.29
CA VAL A 154 -22.14 28.61 19.44
C VAL A 154 -21.10 27.87 20.27
N PHE A 155 -21.15 26.53 20.24
CA PHE A 155 -20.24 25.71 21.01
C PHE A 155 -18.80 25.77 20.52
N THR A 156 -18.16 26.93 20.65
CA THR A 156 -16.80 27.11 20.15
C THR A 156 -15.77 26.36 20.98
N GLN A 157 -16.16 25.71 22.08
CA GLN A 157 -15.23 24.79 22.71
C GLN A 157 -14.99 23.55 21.86
N PHE A 158 -15.74 23.36 20.77
CA PHE A 158 -15.58 22.23 19.88
C PHE A 158 -15.22 22.62 18.46
N TYR A 159 -14.93 23.91 18.21
CA TYR A 159 -14.54 24.40 16.88
C TYR A 159 -13.13 24.94 16.98
N PRO A 160 -12.12 24.05 16.99
CA PRO A 160 -10.73 24.51 17.03
C PRO A 160 -10.36 25.41 15.85
N VAL A 161 -11.05 25.29 14.71
CA VAL A 161 -10.78 26.18 13.58
C VAL A 161 -11.16 27.62 13.93
N LEU A 162 -12.27 27.82 14.65
CA LEU A 162 -12.70 29.17 15.02
C LEU A 162 -11.78 29.77 16.09
N ARG A 163 -11.42 28.99 17.12
CA ARG A 163 -10.54 29.52 18.16
C ARG A 163 -9.16 29.85 17.60
N ALA A 164 -8.62 29.01 16.72
CA ALA A 164 -7.32 29.33 16.16
C ALA A 164 -7.38 30.50 15.19
N GLY A 165 -8.54 30.73 14.57
CA GLY A 165 -8.69 31.77 13.56
C GLY A 165 -9.11 33.13 14.07
N LYS A 166 -9.56 33.23 15.32
CA LYS A 166 -9.91 34.53 15.87
C LYS A 166 -8.65 35.32 16.18
N PRO A 167 -8.73 36.65 16.19
CA PRO A 167 -7.51 37.45 16.35
C PRO A 167 -7.01 37.45 17.79
N SER A 168 -5.70 37.69 17.92
CA SER A 168 -4.95 37.69 19.19
C SER A 168 -5.72 38.14 20.43
N GLY B 9 -8.24 28.47 -11.60
CA GLY B 9 -7.92 27.05 -11.46
C GLY B 9 -6.45 26.69 -11.55
N LEU B 10 -5.65 27.18 -10.61
CA LEU B 10 -4.21 26.95 -10.55
C LEU B 10 -3.87 25.95 -9.45
N ASN B 11 -2.59 25.64 -9.33
CA ASN B 11 -2.12 24.65 -8.38
C ASN B 11 -2.02 25.23 -6.97
N TYR B 12 -2.32 24.39 -5.99
CA TYR B 12 -2.15 24.74 -4.58
C TYR B 12 -0.92 24.05 -4.05
N GLY B 13 -0.52 24.45 -2.85
CA GLY B 13 0.74 24.02 -2.30
C GLY B 13 1.93 24.59 -3.05
N SER B 14 3.00 24.89 -2.33
CA SER B 14 4.22 25.38 -2.95
C SER B 14 5.37 24.45 -2.59
N PHE B 15 6.41 24.49 -3.43
CA PHE B 15 7.46 23.51 -3.40
C PHE B 15 8.82 24.21 -3.47
N THR B 16 9.82 23.54 -2.94
CA THR B 16 11.20 23.96 -3.12
C THR B 16 11.67 23.59 -4.53
N LYS B 17 12.95 23.85 -4.82
CA LYS B 17 13.51 23.46 -6.12
C LYS B 17 13.55 21.95 -6.28
N GLU B 18 13.90 21.23 -5.21
CA GLU B 18 13.77 19.77 -5.15
C GLU B 18 12.32 19.31 -5.15
N HIS B 19 11.38 20.25 -5.23
CA HIS B 19 9.94 19.95 -5.25
C HIS B 19 9.51 19.18 -4.00
N VAL B 20 10.05 19.62 -2.86
CA VAL B 20 9.56 19.20 -1.55
C VAL B 20 8.47 20.17 -1.12
N LEU B 21 7.36 19.63 -0.61
CA LEU B 21 6.21 20.45 -0.26
C LEU B 21 6.56 21.39 0.89
N LEU B 22 6.42 22.69 0.66
CA LEU B 22 6.48 23.63 1.77
C LEU B 22 5.23 23.45 2.63
N THR B 23 5.37 23.75 3.93
CA THR B 23 4.22 23.58 4.82
C THR B 23 3.03 24.36 4.28
N PRO B 24 1.92 23.69 3.95
CA PRO B 24 0.79 24.41 3.36
C PRO B 24 0.18 25.38 4.35
N LYS B 25 -0.20 26.55 3.85
CA LYS B 25 -0.87 27.56 4.63
C LYS B 25 -2.25 27.79 4.02
N GLY B 26 -3.25 28.01 4.88
CA GLY B 26 -4.60 28.24 4.39
C GLY B 26 -5.39 27.01 4.03
N TYR B 27 -4.88 25.80 4.33
CA TYR B 27 -5.62 24.59 4.01
C TYR B 27 -6.91 24.49 4.83
N ARG B 28 -7.06 25.28 5.88
CA ARG B 28 -8.35 25.29 6.57
C ARG B 28 -9.43 25.95 5.73
N GLU B 29 -9.06 26.65 4.67
CA GLU B 29 -10.00 27.22 3.73
C GLU B 29 -10.07 26.42 2.42
N TRP B 30 -9.51 25.22 2.40
CA TRP B 30 -9.76 24.26 1.33
C TRP B 30 -11.07 23.53 1.61
N VAL B 31 -11.35 22.47 0.85
CA VAL B 31 -12.64 21.80 0.93
C VAL B 31 -12.50 20.57 1.82
N PHE B 32 -13.25 20.59 2.92
CA PHE B 32 -13.23 19.51 3.88
C PHE B 32 -13.97 18.31 3.28
N ILE B 33 -13.44 17.11 3.51
CA ILE B 33 -14.02 15.92 2.89
C ILE B 33 -14.42 14.84 3.89
N GLY B 34 -14.07 14.96 5.17
CA GLY B 34 -14.52 14.03 6.19
C GLY B 34 -13.64 14.09 7.41
N ALA B 35 -14.20 13.69 8.55
CA ALA B 35 -13.46 13.55 9.80
C ALA B 35 -13.62 12.15 10.40
N SER B 36 -12.55 11.64 11.03
CA SER B 36 -12.55 10.39 11.79
C SER B 36 -11.89 10.61 13.15
N VAL B 37 -11.98 9.62 14.03
CA VAL B 37 -11.32 9.73 15.32
C VAL B 37 -10.79 8.36 15.76
N THR B 38 -9.48 8.27 16.02
CA THR B 38 -8.89 7.14 16.73
C THR B 38 -8.40 7.62 18.09
N PRO B 39 -9.22 7.52 19.15
CA PRO B 39 -8.76 7.95 20.49
C PRO B 39 -7.66 7.07 21.05
N ASN B 40 -6.77 7.71 21.81
CA ASN B 40 -5.74 6.99 22.54
C ASN B 40 -6.32 5.86 23.39
N GLU B 41 -7.42 6.13 24.11
CA GLU B 41 -7.94 5.17 25.08
C GLU B 41 -8.47 3.89 24.43
N LEU B 42 -8.76 3.92 23.14
CA LEU B 42 -9.17 2.71 22.43
C LEU B 42 -8.01 2.04 21.72
N ASN B 43 -6.78 2.51 21.96
CA ASN B 43 -5.61 2.00 21.24
C ASN B 43 -4.43 1.88 22.20
N ASP B 44 -4.62 1.14 23.29
CA ASP B 44 -3.64 0.96 24.36
C ASP B 44 -2.93 2.26 24.73
N ASP B 45 -3.73 3.32 24.85
CA ASP B 45 -3.31 4.66 25.29
C ASP B 45 -2.31 5.31 24.34
N LYS B 46 -2.12 4.77 23.14
CA LYS B 46 -1.21 5.42 22.20
C LYS B 46 -1.66 5.13 20.77
N ALA B 47 -2.61 5.91 20.26
CA ALA B 47 -3.05 5.76 18.88
C ALA B 47 -1.89 6.04 17.94
N ALA B 48 -1.89 5.37 16.80
CA ALA B 48 -0.83 5.63 15.82
C ALA B 48 -0.87 7.09 15.34
N PHE B 49 -2.07 7.67 15.22
CA PHE B 49 -2.24 9.06 14.76
C PHE B 49 -3.27 9.74 15.65
N PRO B 50 -2.85 10.31 16.78
CA PRO B 50 -3.81 10.87 17.75
C PRO B 50 -4.27 12.25 17.34
N GLU B 51 -5.60 12.48 17.30
CA GLU B 51 -6.66 11.52 17.60
C GLU B 51 -7.81 11.71 16.60
N PHE B 52 -8.45 12.89 16.66
CA PHE B 52 -9.30 13.35 15.57
C PHE B 52 -8.45 13.59 14.33
N HIS B 53 -9.05 13.34 13.15
CA HIS B 53 -8.46 13.67 11.85
C HIS B 53 -9.50 14.41 11.03
N ASN B 54 -9.19 15.63 10.61
CA ASN B 54 -10.02 16.44 9.70
C ASN B 54 -9.28 16.58 8.37
N VAL B 55 -9.93 16.21 7.27
CA VAL B 55 -9.20 16.07 6.01
C VAL B 55 -9.70 17.08 4.99
N TYR B 56 -8.77 17.62 4.20
CA TYR B 56 -9.08 18.65 3.22
C TYR B 56 -8.45 18.31 1.89
N ILE B 57 -9.12 18.75 0.82
CA ILE B 57 -8.59 18.66 -0.54
C ILE B 57 -8.60 20.06 -1.13
N ASP B 58 -7.57 20.37 -1.92
CA ASP B 58 -7.43 21.72 -2.45
C ASP B 58 -8.59 22.05 -3.41
N PRO B 59 -9.01 23.33 -3.46
CA PRO B 59 -10.19 23.69 -4.29
C PRO B 59 -10.08 23.31 -5.77
N THR B 60 -8.92 23.49 -6.39
CA THR B 60 -8.81 23.13 -7.80
C THR B 60 -9.09 21.64 -7.98
N SER B 61 -8.49 20.80 -7.13
CA SER B 61 -8.68 19.36 -7.31
C SER B 61 -10.09 18.92 -6.92
N TRP B 62 -10.72 19.64 -5.99
CA TRP B 62 -12.14 19.42 -5.73
C TRP B 62 -12.97 19.66 -6.97
N GLY B 63 -12.72 20.80 -7.65
CA GLY B 63 -13.41 21.09 -8.89
C GLY B 63 -13.28 19.97 -9.90
N HIS B 64 -12.04 19.52 -10.15
CA HIS B 64 -11.84 18.43 -11.09
C HIS B 64 -12.48 17.14 -10.60
N TRP B 65 -12.65 16.98 -9.28
CA TRP B 65 -13.26 15.75 -8.76
C TRP B 65 -14.76 15.73 -9.03
N LYS B 66 -15.45 16.86 -8.86
CA LYS B 66 -16.89 16.91 -9.14
C LYS B 66 -17.19 16.59 -10.60
N LYS B 67 -16.25 16.90 -11.52
CA LYS B 67 -16.42 16.56 -12.93
C LYS B 67 -16.08 15.11 -13.21
N THR B 68 -14.94 14.61 -12.71
CA THR B 68 -14.37 13.36 -13.21
C THR B 68 -14.36 12.20 -12.23
N GLY B 69 -14.47 12.47 -10.93
CA GLY B 69 -14.32 11.39 -9.95
C GLY B 69 -12.92 10.85 -9.86
N GLU B 70 -11.92 11.63 -10.27
CA GLU B 70 -10.52 11.23 -10.25
C GLU B 70 -9.69 12.34 -9.63
N PHE B 71 -8.53 11.97 -9.08
CA PHE B 71 -7.60 12.96 -8.55
C PHE B 71 -6.63 13.37 -9.64
N ARG B 72 -6.61 14.65 -9.97
CA ARG B 72 -5.76 15.13 -11.04
C ARG B 72 -4.33 15.28 -10.55
N ASP B 73 -3.40 15.42 -11.49
CA ASP B 73 -2.07 15.87 -11.13
C ASP B 73 -2.19 17.19 -10.37
N GLY B 74 -1.39 17.34 -9.33
CA GLY B 74 -1.40 18.54 -8.52
C GLY B 74 -2.32 18.50 -7.33
N THR B 75 -3.09 17.41 -7.17
CA THR B 75 -3.93 17.23 -6.00
C THR B 75 -3.09 17.29 -4.72
N VAL B 76 -3.56 18.07 -3.75
CA VAL B 76 -2.96 18.12 -2.42
C VAL B 76 -4.04 17.83 -1.41
N ILE B 77 -3.78 16.88 -0.53
CA ILE B 77 -4.69 16.51 0.54
C ILE B 77 -3.98 16.70 1.87
N VAL B 78 -4.64 17.37 2.80
CA VAL B 78 -4.08 17.62 4.12
C VAL B 78 -4.96 16.93 5.14
N LYS B 79 -4.34 16.10 5.98
CA LYS B 79 -5.01 15.51 7.13
C LYS B 79 -4.53 16.26 8.37
N GLU B 80 -5.44 16.96 9.04
CA GLU B 80 -5.08 17.69 10.25
C GLU B 80 -5.48 16.89 11.47
N LEU B 81 -4.54 16.71 12.39
CA LEU B 81 -4.76 15.93 13.59
C LEU B 81 -5.06 16.84 14.76
N ALA B 82 -5.96 16.39 15.63
CA ALA B 82 -6.33 17.14 16.82
C ALA B 82 -6.59 16.18 17.97
N GLY B 83 -6.51 16.71 19.19
CA GLY B 83 -6.74 15.88 20.36
C GLY B 83 -8.21 15.73 20.69
N VAL B 84 -8.52 14.68 21.44
CA VAL B 84 -9.84 14.52 22.05
C VAL B 84 -9.87 15.42 23.28
N GLY B 85 -10.77 16.41 23.28
CA GLY B 85 -10.88 17.32 24.38
C GLY B 85 -11.80 16.84 25.48
N SER B 86 -12.81 16.04 25.13
CA SER B 86 -13.73 15.50 26.14
C SER B 86 -14.59 14.41 25.49
N LYS B 87 -15.32 13.70 26.35
CA LYS B 87 -16.08 12.52 25.98
C LYS B 87 -17.56 12.66 26.32
N ALA B 88 -17.98 13.80 26.84
CA ALA B 88 -19.37 14.06 27.17
C ALA B 88 -19.64 15.53 26.97
N SER B 89 -20.81 15.83 26.47
CA SER B 89 -21.21 17.21 26.20
C SER B 89 -22.72 17.22 26.36
N PRO B 90 -23.39 18.37 26.29
CA PRO B 90 -24.86 18.35 26.38
C PRO B 90 -25.53 17.62 25.23
N SER B 91 -24.82 17.32 24.14
CA SER B 91 -25.40 16.51 23.08
C SER B 91 -25.25 15.02 23.34
N GLY B 92 -24.51 14.63 24.38
CA GLY B 92 -24.44 13.25 24.81
C GLY B 92 -23.00 12.79 24.94
N ASN B 93 -22.82 11.48 24.93
CA ASN B 93 -21.50 10.89 25.07
C ASN B 93 -20.90 10.63 23.69
N GLY B 94 -19.56 10.71 23.63
CA GLY B 94 -18.85 10.42 22.40
C GLY B 94 -17.45 10.98 22.45
N TYR B 95 -16.97 11.58 21.36
CA TYR B 95 -15.68 12.28 21.38
C TYR B 95 -15.84 13.67 20.80
N PHE B 96 -15.10 14.62 21.37
CA PHE B 96 -15.20 16.03 20.99
C PHE B 96 -13.79 16.61 20.88
N PRO B 97 -13.50 17.39 19.84
CA PRO B 97 -12.13 17.86 19.64
C PRO B 97 -11.65 18.81 20.74
N GLY B 98 -10.34 18.85 20.91
CA GLY B 98 -9.67 19.80 21.76
C GLY B 98 -8.73 20.66 20.94
N GLU B 99 -7.43 20.45 21.11
CA GLU B 99 -6.39 21.26 20.48
C GLU B 99 -5.78 20.56 19.27
N PHE B 100 -5.18 21.36 18.38
CA PHE B 100 -4.55 20.85 17.17
C PHE B 100 -3.22 20.18 17.49
N ASN B 101 -2.95 19.04 16.85
CA ASN B 101 -1.73 18.27 17.10
C ASN B 101 -0.71 18.32 15.97
N GLY B 102 -1.12 18.52 14.72
CA GLY B 102 -0.18 18.44 13.62
C GLY B 102 -0.90 18.11 12.32
N ILE B 103 -0.11 17.86 11.28
CA ILE B 103 -0.63 17.65 9.93
C ILE B 103 0.21 16.60 9.20
N GLN B 104 -0.45 15.91 8.27
CA GLN B 104 0.19 15.09 7.24
C GLN B 104 -0.41 15.47 5.89
N ALA B 105 0.31 15.18 4.80
CA ALA B 105 -0.18 15.53 3.48
C ALA B 105 0.26 14.50 2.46
N MET B 106 -0.42 14.51 1.32
CA MET B 106 -0.05 13.72 0.16
C MET B 106 -0.28 14.53 -1.10
N VAL B 107 0.67 14.46 -2.03
CA VAL B 107 0.61 15.19 -3.28
C VAL B 107 0.71 14.21 -4.45
N LYS B 108 -0.19 14.33 -5.42
CA LYS B 108 -0.16 13.48 -6.61
C LYS B 108 0.45 14.25 -7.76
N ASP B 109 1.50 13.70 -8.35
CA ASP B 109 2.13 14.32 -9.51
C ASP B 109 2.81 13.24 -10.34
N SER B 110 2.23 12.95 -11.50
CA SER B 110 2.79 11.93 -12.40
C SER B 110 4.17 12.30 -12.89
N LYS B 111 4.47 13.61 -12.97
CA LYS B 111 5.78 14.04 -13.47
C LYS B 111 6.84 13.95 -12.38
N ARG B 112 6.62 14.61 -11.24
CA ARG B 112 7.67 14.69 -10.21
C ARG B 112 7.82 13.42 -9.39
N TYR B 113 6.79 12.59 -9.30
CA TYR B 113 6.85 11.34 -8.53
C TYR B 113 6.49 10.16 -9.44
N PRO B 114 7.25 9.92 -10.49
CA PRO B 114 6.87 8.85 -11.44
C PRO B 114 7.03 7.46 -10.88
N GLU B 115 7.95 7.23 -9.95
CA GLU B 115 8.18 5.89 -9.40
C GLU B 115 7.52 5.69 -8.04
N ARG B 116 6.60 6.59 -7.65
CA ARG B 116 5.85 6.32 -6.42
C ARG B 116 4.50 5.70 -6.74
N PRO B 117 4.09 4.72 -5.91
CA PRO B 117 2.75 4.12 -6.03
C PRO B 117 1.64 5.15 -6.26
N GLY B 118 1.08 5.13 -7.47
CA GLY B 118 0.05 6.08 -7.84
C GLY B 118 0.54 7.49 -8.04
N ASN B 119 1.86 7.69 -8.13
CA ASN B 119 2.47 9.02 -8.29
C ASN B 119 2.15 9.95 -7.12
N TRP B 120 1.91 9.39 -5.94
CA TRP B 120 1.67 10.20 -4.74
C TRP B 120 2.96 10.31 -3.93
N ALA B 121 3.29 11.53 -3.50
CA ALA B 121 4.28 11.70 -2.44
C ALA B 121 3.58 11.92 -1.11
N PHE B 122 4.13 11.32 -0.06
CA PHE B 122 3.60 11.44 1.30
C PHE B 122 4.52 12.33 2.13
N PHE B 123 3.94 13.25 2.88
CA PHE B 123 4.74 14.20 3.65
C PHE B 123 4.38 14.17 5.13
N GLY B 124 5.36 13.96 5.98
CA GLY B 124 5.21 14.19 7.40
C GLY B 124 5.77 15.56 7.78
N PHE B 125 5.31 16.08 8.92
CA PHE B 125 5.70 17.40 9.39
C PHE B 125 6.08 17.37 10.87
N GLU B 126 7.30 17.85 11.18
CA GLU B 126 7.82 17.80 12.54
C GLU B 126 6.97 18.62 13.52
N SER B 127 6.44 19.75 13.06
CA SER B 127 5.67 20.65 13.92
C SER B 127 5.04 21.70 13.01
N TYR B 128 4.08 22.44 13.57
CA TYR B 128 3.44 23.51 12.81
C TYR B 128 4.42 24.60 12.41
N GLU B 129 5.59 24.65 13.04
CA GLU B 129 6.60 25.67 12.79
C GLU B 129 7.65 25.21 11.82
N ALA B 130 7.65 23.92 11.44
CA ALA B 130 8.51 23.46 10.37
C ALA B 130 8.21 24.24 9.09
N LYS B 131 9.27 24.51 8.31
CA LYS B 131 9.10 25.29 7.10
C LYS B 131 8.73 24.42 5.90
N GLN B 132 9.08 23.15 5.93
CA GLN B 132 8.76 22.25 4.83
C GLN B 132 8.49 20.85 5.37
N GLY B 133 7.85 20.04 4.53
CA GLY B 133 7.60 18.65 4.85
C GLY B 133 8.81 17.76 4.66
N ILE B 134 8.63 16.50 5.06
CA ILE B 134 9.64 15.46 4.93
C ILE B 134 9.03 14.34 4.11
N ILE B 135 9.56 14.12 2.91
CA ILE B 135 8.99 13.10 2.04
C ILE B 135 9.30 11.74 2.63
N GLN B 136 8.33 10.84 2.62
CA GLN B 136 8.42 9.56 3.29
C GLN B 136 8.73 8.43 2.30
N THR B 137 9.45 7.42 2.78
CA THR B 137 9.65 6.21 1.99
C THR B 137 8.31 5.53 1.79
N ASP B 138 8.20 4.75 0.71
CA ASP B 138 6.94 4.06 0.45
C ASP B 138 6.56 3.12 1.58
N GLU B 139 7.54 2.59 2.32
CA GLU B 139 7.21 1.65 3.38
C GLU B 139 6.47 2.33 4.54
N THR B 140 6.78 3.59 4.80
CA THR B 140 6.23 4.26 5.97
C THR B 140 4.75 4.60 5.79
N CYS B 141 4.34 4.98 4.59
CA CYS B 141 2.97 5.46 4.40
C CYS B 141 2.24 4.78 3.24
N ALA B 142 2.84 4.79 2.04
CA ALA B 142 2.11 4.35 0.86
C ALA B 142 1.76 2.87 0.92
N ALA B 143 2.54 2.06 1.65
CA ALA B 143 2.24 0.64 1.77
C ALA B 143 0.84 0.43 2.33
N CYS B 144 0.53 1.07 3.46
CA CYS B 144 -0.79 0.93 4.08
C CYS B 144 -1.90 1.52 3.21
N HIS B 145 -1.67 2.70 2.61
CA HIS B 145 -2.71 3.27 1.74
C HIS B 145 -2.97 2.41 0.51
N LYS B 146 -1.91 1.88 -0.10
CA LYS B 146 -2.10 1.01 -1.26
C LYS B 146 -2.94 -0.21 -0.90
N GLU B 147 -2.66 -0.83 0.25
CA GLU B 147 -3.31 -2.10 0.55
C GLU B 147 -4.80 -1.93 0.81
N HIS B 148 -5.24 -0.76 1.30
CA HIS B 148 -6.55 -0.67 1.93
C HIS B 148 -7.43 0.48 1.47
N ALA B 149 -6.90 1.48 0.77
CA ALA B 149 -7.73 2.63 0.42
C ALA B 149 -8.66 2.27 -0.74
N ALA B 150 -9.86 2.83 -0.71
CA ALA B 150 -10.91 2.43 -1.64
C ALA B 150 -10.66 2.95 -3.06
N HIS B 151 -9.93 4.06 -3.22
CA HIS B 151 -9.79 4.65 -4.55
C HIS B 151 -8.46 5.37 -4.66
N ASP B 152 -7.57 4.86 -5.50
CA ASP B 152 -6.36 5.58 -5.90
C ASP B 152 -5.58 6.08 -4.67
N MET B 153 -5.53 5.23 -3.65
CA MET B 153 -4.69 5.40 -2.45
C MET B 153 -5.26 6.39 -1.44
N VAL B 154 -6.51 6.77 -1.60
CA VAL B 154 -7.19 7.67 -0.68
C VAL B 154 -8.36 6.91 -0.07
N PHE B 155 -8.52 7.01 1.24
CA PHE B 155 -9.53 6.25 1.96
C PHE B 155 -10.91 6.89 1.78
N THR B 156 -11.37 6.86 0.52
CA THR B 156 -12.65 7.48 0.18
C THR B 156 -13.84 6.76 0.84
N GLN B 157 -13.65 5.54 1.32
CA GLN B 157 -14.71 4.95 2.11
C GLN B 157 -14.97 5.72 3.41
N PHE B 158 -14.10 6.66 3.77
CA PHE B 158 -14.31 7.51 4.93
C PHE B 158 -14.56 8.98 4.57
N TYR B 159 -14.57 9.33 3.28
CA TYR B 159 -14.81 10.72 2.90
C TYR B 159 -16.14 10.88 2.19
N PRO B 160 -17.24 10.98 2.94
CA PRO B 160 -18.57 11.05 2.30
C PRO B 160 -18.76 12.28 1.44
N VAL B 161 -18.06 13.39 1.73
CA VAL B 161 -18.10 14.56 0.85
C VAL B 161 -17.63 14.18 -0.54
N LEU B 162 -16.55 13.41 -0.63
CA LEU B 162 -16.03 12.99 -1.93
C LEU B 162 -17.00 12.04 -2.64
N ARG B 163 -17.56 11.08 -1.90
CA ARG B 163 -18.45 10.11 -2.52
C ARG B 163 -19.73 10.78 -3.02
N ALA B 164 -20.30 11.69 -2.23
CA ALA B 164 -21.51 12.39 -2.69
C ALA B 164 -21.22 13.38 -3.81
N GLY B 165 -19.99 13.84 -3.96
CA GLY B 165 -19.68 14.89 -4.92
C GLY B 165 -19.28 14.42 -6.30
N LYS B 166 -18.86 13.15 -6.44
CA LYS B 166 -18.52 12.59 -7.74
C LYS B 166 -19.80 12.44 -8.58
N PRO B 167 -19.67 12.44 -9.91
CA PRO B 167 -20.84 12.29 -10.78
C PRO B 167 -21.37 10.85 -10.85
N GLY C 9 26.52 -22.85 10.80
CA GLY C 9 25.95 -21.56 10.45
C GLY C 9 26.91 -20.38 10.49
N LEU C 10 27.88 -20.38 9.56
CA LEU C 10 28.88 -19.33 9.45
C LEU C 10 28.51 -18.36 8.34
N ASN C 11 29.20 -17.21 8.31
CA ASN C 11 28.95 -16.17 7.31
C ASN C 11 29.27 -16.70 5.90
N TYR C 12 28.67 -16.06 4.89
CA TYR C 12 28.81 -16.55 3.52
C TYR C 12 29.53 -15.60 2.58
N GLY C 13 29.86 -14.39 3.01
CA GLY C 13 30.67 -13.50 2.19
C GLY C 13 32.17 -13.68 2.41
N SER C 14 32.93 -13.62 1.30
CA SER C 14 34.39 -13.61 1.34
C SER C 14 34.87 -12.21 0.97
N PHE C 15 35.61 -11.59 1.88
CA PHE C 15 36.01 -10.20 1.76
C PHE C 15 37.53 -10.06 1.73
N THR C 16 37.96 -8.86 1.36
CA THR C 16 39.36 -8.52 1.36
C THR C 16 39.68 -7.58 2.51
N LYS C 17 40.98 -7.32 2.67
CA LYS C 17 41.54 -6.33 3.58
C LYS C 17 40.60 -5.15 3.78
N GLU C 18 40.08 -4.62 2.67
CA GLU C 18 39.33 -3.36 2.63
C GLU C 18 37.82 -3.54 2.83
N HIS C 19 37.36 -4.76 3.17
CA HIS C 19 35.95 -5.13 3.35
C HIS C 19 35.18 -5.20 2.03
N VAL C 20 35.88 -5.27 0.89
CA VAL C 20 35.23 -5.35 -0.40
C VAL C 20 34.91 -6.81 -0.71
N LEU C 21 33.70 -7.04 -1.21
CA LEU C 21 33.21 -8.40 -1.43
C LEU C 21 33.92 -9.03 -2.62
N LEU C 22 34.55 -10.18 -2.39
CA LEU C 22 34.99 -10.98 -3.52
C LEU C 22 33.77 -11.61 -4.17
N THR C 23 33.78 -11.68 -5.49
CA THR C 23 32.58 -12.07 -6.21
C THR C 23 32.08 -13.41 -5.72
N PRO C 24 30.84 -13.53 -5.26
CA PRO C 24 30.39 -14.76 -4.61
C PRO C 24 30.48 -15.96 -5.53
N LYS C 25 30.74 -17.11 -4.93
CA LYS C 25 30.77 -18.40 -5.61
C LYS C 25 29.77 -19.32 -4.93
N GLY C 26 29.05 -20.11 -5.72
CA GLY C 26 28.07 -21.03 -5.16
C GLY C 26 26.74 -20.40 -4.75
N TYR C 27 26.52 -19.11 -5.04
CA TYR C 27 25.25 -18.49 -4.66
C TYR C 27 24.05 -19.20 -5.28
N ARG C 28 24.26 -19.97 -6.34
CA ARG C 28 23.14 -20.70 -6.94
C ARG C 28 22.66 -21.85 -6.05
N GLU C 29 23.40 -22.17 -4.99
CA GLU C 29 22.99 -23.17 -4.01
C GLU C 29 22.56 -22.51 -2.70
N TRP C 30 22.51 -21.20 -2.67
CA TRP C 30 21.82 -20.48 -1.60
C TRP C 30 20.32 -20.64 -1.79
N VAL C 31 19.54 -19.87 -1.04
CA VAL C 31 18.08 -20.01 -1.02
C VAL C 31 17.50 -18.98 -1.98
N PHE C 32 16.85 -19.48 -3.04
CA PHE C 32 16.11 -18.65 -3.98
C PHE C 32 14.90 -18.03 -3.32
N ILE C 33 14.70 -16.73 -3.52
CA ILE C 33 13.59 -16.04 -2.88
C ILE C 33 12.61 -15.39 -3.87
N GLY C 34 12.88 -15.40 -5.17
CA GLY C 34 11.92 -14.90 -6.13
C GLY C 34 12.58 -14.42 -7.39
N ALA C 35 11.79 -14.43 -8.48
CA ALA C 35 12.23 -13.93 -9.79
C ALA C 35 11.24 -12.93 -10.40
N SER C 36 11.80 -11.88 -11.04
CA SER C 36 11.09 -10.88 -11.83
C SER C 36 11.73 -10.77 -13.21
N VAL C 37 11.09 -10.00 -14.10
CA VAL C 37 11.67 -9.75 -15.42
C VAL C 37 11.37 -8.33 -15.89
N THR C 38 12.41 -7.56 -16.22
CA THR C 38 12.26 -6.31 -16.95
C THR C 38 12.79 -6.49 -18.37
N PRO C 39 11.97 -6.94 -19.32
CA PRO C 39 12.46 -7.12 -20.71
C PRO C 39 12.85 -5.81 -21.38
N ASN C 40 13.86 -5.89 -22.26
CA ASN C 40 14.28 -4.73 -23.04
C ASN C 40 13.14 -4.18 -23.91
N GLU C 41 12.34 -5.06 -24.52
CA GLU C 41 11.32 -4.60 -25.44
C GLU C 41 10.22 -3.78 -24.77
N LEU C 42 10.07 -3.82 -23.44
CA LEU C 42 9.11 -2.95 -22.79
C LEU C 42 9.75 -1.75 -22.11
N ASN C 43 11.06 -1.56 -22.27
CA ASN C 43 11.76 -0.45 -21.66
C ASN C 43 12.66 0.23 -22.69
N ASP C 44 12.04 0.59 -23.83
CA ASP C 44 12.70 1.30 -24.94
C ASP C 44 13.94 0.56 -25.43
N ASP C 45 13.88 -0.76 -25.43
CA ASP C 45 14.91 -1.66 -25.96
C ASP C 45 16.20 -1.62 -25.16
N LYS C 46 16.21 -0.94 -24.02
CA LYS C 46 17.38 -1.00 -23.13
C LYS C 46 16.87 -0.89 -21.69
N ALA C 47 16.51 -2.04 -21.12
CA ALA C 47 16.12 -2.10 -19.72
C ALA C 47 17.30 -1.71 -18.83
N ALA C 48 16.98 -1.11 -17.67
CA ALA C 48 18.05 -0.68 -16.78
C ALA C 48 18.88 -1.87 -16.29
N PHE C 49 18.22 -3.00 -16.04
CA PHE C 49 18.88 -4.22 -15.56
C PHE C 49 18.31 -5.39 -16.35
N PRO C 50 18.87 -5.68 -17.52
CA PRO C 50 18.29 -6.74 -18.35
C PRO C 50 18.75 -8.12 -17.92
N GLU C 51 17.82 -9.07 -17.86
CA GLU C 51 16.38 -8.88 -18.12
C GLU C 51 15.56 -9.62 -17.04
N PHE C 52 15.67 -10.94 -17.02
CA PHE C 52 15.25 -11.71 -15.85
C PHE C 52 16.17 -11.40 -14.68
N HIS C 53 15.60 -11.50 -13.47
CA HIS C 53 16.33 -11.36 -12.20
C HIS C 53 16.02 -12.57 -11.34
N ASN C 54 17.05 -13.33 -10.94
CA ASN C 54 16.90 -14.44 -10.00
C ASN C 54 17.61 -14.10 -8.69
N VAL C 55 16.89 -14.14 -7.55
CA VAL C 55 17.47 -13.58 -6.34
C VAL C 55 17.66 -14.65 -5.26
N TYR C 56 18.78 -14.54 -4.56
CA TYR C 56 19.21 -15.52 -3.56
C TYR C 56 19.59 -14.81 -2.27
N ILE C 57 19.26 -15.46 -1.15
CA ILE C 57 19.75 -15.06 0.16
C ILE C 57 20.56 -16.23 0.72
N ASP C 58 21.61 -15.91 1.48
CA ASP C 58 22.51 -16.96 1.93
C ASP C 58 21.85 -17.82 2.99
N PRO C 59 22.21 -19.11 3.06
CA PRO C 59 21.52 -20.04 3.99
C PRO C 59 21.50 -19.61 5.45
N THR C 60 22.59 -19.04 5.96
CA THR C 60 22.57 -18.62 7.36
C THR C 60 21.56 -17.50 7.58
N SER C 61 21.47 -16.55 6.64
CA SER C 61 20.54 -15.43 6.82
C SER C 61 19.10 -15.88 6.58
N TRP C 62 18.88 -16.84 5.68
CA TRP C 62 17.55 -17.43 5.53
C TRP C 62 17.10 -18.08 6.83
N GLY C 63 17.97 -18.90 7.45
CA GLY C 63 17.65 -19.49 8.74
C GLY C 63 17.21 -18.46 9.75
N HIS C 64 18.01 -17.40 9.93
CA HIS C 64 17.63 -16.35 10.87
C HIS C 64 16.33 -15.68 10.45
N TRP C 65 16.08 -15.60 9.14
CA TRP C 65 14.87 -14.95 8.65
C TRP C 65 13.61 -15.69 9.10
N LYS C 66 13.61 -17.02 8.96
CA LYS C 66 12.44 -17.80 9.37
C LYS C 66 12.17 -17.65 10.85
N LYS C 67 13.23 -17.45 11.67
CA LYS C 67 13.03 -17.20 13.09
C LYS C 67 12.50 -15.77 13.33
N THR C 68 13.16 -14.76 12.75
CA THR C 68 12.97 -13.39 13.18
C THR C 68 12.24 -12.47 12.21
N GLY C 69 12.11 -12.85 10.94
CA GLY C 69 11.53 -11.93 9.97
C GLY C 69 12.38 -10.69 9.73
N GLU C 70 13.69 -10.78 9.96
CA GLU C 70 14.61 -9.65 9.83
C GLU C 70 15.91 -10.16 9.21
N PHE C 71 16.63 -9.27 8.54
CA PHE C 71 17.92 -9.60 7.96
C PHE C 71 19.02 -9.36 9.00
N ARG C 72 19.77 -10.41 9.32
CA ARG C 72 20.80 -10.31 10.33
C ARG C 72 22.01 -9.53 9.81
N ASP C 73 22.91 -9.18 10.73
CA ASP C 73 24.21 -8.72 10.31
C ASP C 73 24.92 -9.84 9.59
N GLY C 74 25.59 -9.52 8.50
CA GLY C 74 26.21 -10.51 7.66
C GLY C 74 25.31 -11.08 6.59
N THR C 75 24.13 -10.49 6.36
CA THR C 75 23.25 -10.96 5.29
C THR C 75 23.87 -10.63 3.94
N VAL C 76 23.85 -11.60 3.03
CA VAL C 76 24.30 -11.40 1.66
C VAL C 76 23.18 -11.82 0.71
N ILE C 77 22.81 -10.92 -0.20
CA ILE C 77 21.81 -11.18 -1.21
C ILE C 77 22.45 -10.92 -2.57
N VAL C 78 22.24 -11.84 -3.51
CA VAL C 78 22.79 -11.78 -4.86
C VAL C 78 21.63 -11.77 -5.84
N LYS C 79 21.62 -10.79 -6.73
CA LYS C 79 20.69 -10.74 -7.84
C LYS C 79 21.43 -11.15 -9.11
N GLU C 80 20.99 -12.25 -9.73
CA GLU C 80 21.58 -12.74 -10.96
C GLU C 80 20.68 -12.38 -12.13
N LEU C 81 21.27 -11.72 -13.14
CA LEU C 81 20.55 -11.26 -14.31
C LEU C 81 20.75 -12.24 -15.46
N ALA C 82 19.68 -12.53 -16.18
CA ALA C 82 19.74 -13.38 -17.36
C ALA C 82 18.90 -12.75 -18.46
N GLY C 83 19.24 -13.06 -19.71
CA GLY C 83 18.51 -12.51 -20.83
C GLY C 83 17.21 -13.25 -21.11
N VAL C 84 16.35 -12.61 -21.89
CA VAL C 84 15.12 -13.23 -22.39
C VAL C 84 15.48 -14.10 -23.59
N GLY C 85 15.37 -15.42 -23.44
CA GLY C 85 15.71 -16.33 -24.53
C GLY C 85 14.62 -16.54 -25.55
N SER C 86 13.35 -16.36 -25.19
CA SER C 86 12.26 -16.47 -26.14
C SER C 86 10.99 -15.92 -25.49
N LYS C 87 9.97 -15.73 -26.32
CA LYS C 87 8.71 -15.16 -25.85
C LYS C 87 7.52 -16.10 -26.05
N ALA C 88 7.79 -17.33 -26.48
CA ALA C 88 6.74 -18.31 -26.72
C ALA C 88 7.33 -19.69 -26.57
N SER C 89 6.48 -20.60 -26.14
CA SER C 89 6.87 -21.99 -25.82
C SER C 89 5.59 -22.79 -25.78
N PRO C 90 5.69 -24.12 -25.69
CA PRO C 90 4.44 -24.89 -25.62
C PRO C 90 3.55 -24.54 -24.43
N SER C 91 4.06 -23.86 -23.39
CA SER C 91 3.18 -23.49 -22.27
C SER C 91 2.44 -22.17 -22.52
N GLY C 92 2.78 -21.45 -23.56
CA GLY C 92 2.07 -20.23 -23.91
C GLY C 92 3.04 -19.09 -24.18
N ASN C 93 2.49 -17.89 -24.21
CA ASN C 93 3.24 -16.68 -24.48
C ASN C 93 3.66 -16.04 -23.17
N GLY C 94 4.83 -15.42 -23.19
CA GLY C 94 5.32 -14.64 -22.06
C GLY C 94 6.81 -14.47 -22.20
N TYR C 95 7.59 -14.66 -21.14
CA TYR C 95 9.04 -14.54 -21.25
C TYR C 95 9.72 -15.78 -20.67
N PHE C 96 10.82 -16.17 -21.32
CA PHE C 96 11.55 -17.37 -20.96
C PHE C 96 13.05 -17.08 -20.99
N PRO C 97 13.79 -17.54 -19.98
CA PRO C 97 15.18 -17.11 -19.85
C PRO C 97 16.06 -17.71 -20.92
N GLY C 98 17.18 -17.02 -21.17
CA GLY C 98 18.20 -17.48 -22.09
C GLY C 98 19.54 -17.67 -21.40
N GLU C 99 20.48 -16.75 -21.60
CA GLU C 99 21.83 -16.86 -21.05
C GLU C 99 22.04 -15.91 -19.88
N PHE C 100 23.01 -16.26 -19.03
CA PHE C 100 23.33 -15.41 -17.89
C PHE C 100 24.02 -14.13 -18.32
N ASN C 101 23.66 -13.01 -17.69
CA ASN C 101 24.21 -11.70 -17.99
C ASN C 101 25.12 -11.12 -16.92
N GLY C 102 24.89 -11.41 -15.66
CA GLY C 102 25.72 -10.82 -14.62
C GLY C 102 25.02 -10.88 -13.28
N ILE C 103 25.63 -10.19 -12.30
CA ILE C 103 25.16 -10.23 -10.93
C ILE C 103 25.26 -8.85 -10.29
N GLN C 104 24.48 -8.70 -9.22
CA GLN C 104 24.55 -7.57 -8.30
C GLN C 104 24.42 -8.16 -6.91
N ALA C 105 24.93 -7.45 -5.90
CA ALA C 105 24.82 -7.96 -4.55
C ALA C 105 24.71 -6.82 -3.55
N MET C 106 24.20 -7.16 -2.36
CA MET C 106 24.11 -6.21 -1.26
C MET C 106 24.40 -6.98 0.03
N VAL C 107 25.19 -6.37 0.90
CA VAL C 107 25.63 -7.01 2.14
C VAL C 107 25.28 -6.10 3.29
N LYS C 108 24.66 -6.67 4.31
CA LYS C 108 24.29 -5.93 5.52
C LYS C 108 25.34 -6.19 6.59
N ASP C 109 25.82 -5.12 7.23
CA ASP C 109 26.89 -5.22 8.22
C ASP C 109 27.03 -3.92 9.00
N SER C 110 26.45 -3.87 10.20
CA SER C 110 26.52 -2.66 11.02
C SER C 110 27.95 -2.29 11.37
N LYS C 111 28.86 -3.26 11.41
CA LYS C 111 30.24 -3.02 11.82
C LYS C 111 31.10 -2.54 10.66
N ARG C 112 31.03 -3.21 9.51
CA ARG C 112 31.86 -2.79 8.38
C ARG C 112 31.34 -1.51 7.74
N TYR C 113 30.01 -1.31 7.72
CA TYR C 113 29.39 -0.20 7.02
C TYR C 113 28.49 0.59 7.96
N PRO C 114 29.06 1.15 9.03
CA PRO C 114 28.23 1.85 10.02
C PRO C 114 27.52 3.06 9.47
N GLU C 115 28.07 3.70 8.42
CA GLU C 115 27.57 4.98 7.95
C GLU C 115 26.73 4.88 6.67
N ARG C 116 26.48 3.61 6.10
CA ARG C 116 25.61 3.43 4.96
C ARG C 116 24.16 3.25 5.40
N PRO C 117 23.20 3.77 4.62
CA PRO C 117 21.79 3.65 5.02
C PRO C 117 21.37 2.20 5.19
N GLY C 118 20.81 1.89 6.36
CA GLY C 118 20.39 0.53 6.64
C GLY C 118 21.57 -0.39 6.81
N ASN C 119 22.78 0.18 6.81
CA ASN C 119 24.01 -0.58 6.98
C ASN C 119 24.25 -1.58 5.87
N TRP C 120 23.67 -1.32 4.69
CA TRP C 120 23.88 -2.15 3.50
C TRP C 120 25.00 -1.57 2.67
N ALA C 121 25.80 -2.45 2.08
CA ALA C 121 26.76 -2.08 1.03
C ALA C 121 26.33 -2.72 -0.28
N PHE C 122 26.21 -1.92 -1.33
CA PHE C 122 25.78 -2.37 -2.64
C PHE C 122 26.98 -2.54 -3.56
N PHE C 123 27.05 -3.68 -4.25
CA PHE C 123 28.17 -4.03 -5.10
C PHE C 123 27.70 -4.36 -6.51
N GLY C 124 28.31 -3.72 -7.51
CA GLY C 124 28.19 -4.14 -8.88
C GLY C 124 29.42 -4.92 -9.31
N PHE C 125 29.28 -5.68 -10.39
CA PHE C 125 30.32 -6.59 -10.85
C PHE C 125 30.55 -6.39 -12.33
N GLU C 126 31.78 -6.02 -12.70
CA GLU C 126 32.09 -5.66 -14.10
C GLU C 126 31.89 -6.84 -15.03
N SER C 127 32.15 -8.07 -14.58
CA SER C 127 31.89 -9.25 -15.39
C SER C 127 31.92 -10.45 -14.45
N TYR C 128 31.57 -11.62 -14.99
CA TYR C 128 31.69 -12.84 -14.20
C TYR C 128 33.15 -13.14 -13.87
N GLU C 129 34.08 -12.73 -14.74
CA GLU C 129 35.50 -12.96 -14.53
C GLU C 129 36.12 -11.98 -13.55
N ALA C 130 35.44 -10.88 -13.19
CA ALA C 130 35.95 -10.00 -12.17
C ALA C 130 36.14 -10.77 -10.87
N LYS C 131 37.15 -10.39 -10.10
CA LYS C 131 37.50 -11.08 -8.86
C LYS C 131 36.92 -10.42 -7.62
N GLN C 132 36.49 -9.16 -7.71
CA GLN C 132 35.86 -8.54 -6.55
C GLN C 132 34.81 -7.53 -7.00
N GLY C 133 33.88 -7.25 -6.08
CA GLY C 133 32.85 -6.28 -6.34
C GLY C 133 33.34 -4.85 -6.25
N ILE C 134 32.50 -3.94 -6.74
CA ILE C 134 32.79 -2.51 -6.72
C ILE C 134 31.70 -1.88 -5.86
N ILE C 135 32.08 -1.44 -4.66
CA ILE C 135 31.09 -0.86 -3.76
C ILE C 135 30.58 0.44 -4.37
N GLN C 136 29.29 0.73 -4.20
CA GLN C 136 28.61 1.78 -4.94
C GLN C 136 28.24 2.95 -4.03
N THR C 137 28.16 4.15 -4.62
CA THR C 137 27.71 5.31 -3.89
C THR C 137 26.20 5.23 -3.65
N ASP C 138 25.76 5.82 -2.52
CA ASP C 138 24.37 5.67 -2.10
C ASP C 138 23.37 6.09 -3.18
N GLU C 139 23.70 7.14 -3.95
CA GLU C 139 22.76 7.65 -4.94
C GLU C 139 22.53 6.67 -6.07
N THR C 140 23.42 5.68 -6.25
CA THR C 140 23.33 4.75 -7.37
C THR C 140 22.42 3.58 -7.08
N CYS C 141 22.35 3.14 -5.83
CA CYS C 141 21.62 1.93 -5.49
C CYS C 141 20.72 2.14 -4.27
N ALA C 142 21.33 2.59 -3.17
CA ALA C 142 20.58 2.66 -1.92
C ALA C 142 19.38 3.59 -2.04
N ALA C 143 19.53 4.67 -2.80
CA ALA C 143 18.46 5.67 -2.89
C ALA C 143 17.16 5.08 -3.39
N CYS C 144 17.22 4.23 -4.41
CA CYS C 144 15.98 3.63 -4.91
C CYS C 144 15.48 2.53 -3.97
N HIS C 145 16.38 1.75 -3.42
CA HIS C 145 15.96 0.72 -2.47
C HIS C 145 15.33 1.35 -1.22
N LYS C 146 15.95 2.40 -0.69
CA LYS C 146 15.39 3.04 0.50
C LYS C 146 14.03 3.65 0.22
N GLU C 147 13.86 4.26 -0.95
CA GLU C 147 12.62 4.99 -1.20
C GLU C 147 11.46 4.04 -1.48
N HIS C 148 11.71 2.83 -1.98
CA HIS C 148 10.64 2.03 -2.56
C HIS C 148 10.58 0.58 -2.08
N ALA C 149 11.60 0.06 -1.42
CA ALA C 149 11.52 -1.32 -0.95
C ALA C 149 10.57 -1.45 0.23
N ALA C 150 9.89 -2.59 0.29
CA ALA C 150 8.87 -2.82 1.30
C ALA C 150 9.44 -3.10 2.68
N HIS C 151 10.60 -3.73 2.80
CA HIS C 151 11.13 -4.06 4.14
C HIS C 151 12.65 -3.90 4.18
N ASP C 152 13.10 -2.90 4.94
CA ASP C 152 14.51 -2.72 5.27
C ASP C 152 15.39 -2.70 4.02
N MET C 153 14.94 -1.98 3.00
CA MET C 153 15.67 -1.76 1.74
C MET C 153 15.82 -3.03 0.90
N VAL C 154 14.96 -4.02 1.09
CA VAL C 154 14.91 -5.22 0.26
C VAL C 154 13.51 -5.33 -0.32
N PHE C 155 13.40 -5.45 -1.65
CA PHE C 155 12.08 -5.39 -2.28
C PHE C 155 11.23 -6.64 -2.01
N THR C 156 10.90 -6.90 -0.75
CA THR C 156 10.17 -8.12 -0.38
C THR C 156 8.76 -8.19 -0.95
N GLN C 157 8.21 -7.11 -1.52
CA GLN C 157 6.97 -7.26 -2.27
C GLN C 157 7.14 -8.14 -3.50
N PHE C 158 8.37 -8.41 -3.91
CA PHE C 158 8.64 -9.28 -5.04
C PHE C 158 9.27 -10.62 -4.64
N TYR C 159 9.33 -10.95 -3.33
CA TYR C 159 9.95 -12.18 -2.84
C TYR C 159 8.93 -12.96 -2.03
N PRO C 160 8.06 -13.71 -2.70
CA PRO C 160 7.06 -14.46 -1.97
C PRO C 160 7.65 -15.52 -1.07
N VAL C 161 8.88 -15.97 -1.33
CA VAL C 161 9.51 -16.96 -0.45
C VAL C 161 9.79 -16.34 0.92
N LEU C 162 10.26 -15.10 0.95
CA LEU C 162 10.54 -14.41 2.22
C LEU C 162 9.27 -14.10 2.99
N ARG C 163 8.26 -13.55 2.30
CA ARG C 163 7.01 -13.17 2.95
C ARG C 163 6.29 -14.38 3.52
N ALA C 164 6.38 -15.53 2.86
CA ALA C 164 5.72 -16.74 3.35
C ALA C 164 6.57 -17.51 4.35
N GLY C 165 7.87 -17.29 4.38
CA GLY C 165 8.71 -18.01 5.31
C GLY C 165 8.98 -17.30 6.61
N LYS C 166 8.59 -16.02 6.73
CA LYS C 166 8.78 -15.31 7.97
C LYS C 166 7.63 -15.60 8.92
N PRO C 167 7.87 -15.56 10.24
CA PRO C 167 6.80 -15.82 11.21
C PRO C 167 5.69 -14.79 11.12
N LYS D 8 26.40 -42.61 -0.77
CA LYS D 8 24.96 -42.67 -1.05
C LYS D 8 24.24 -41.43 -0.50
N GLY D 9 23.37 -40.82 -1.30
CA GLY D 9 22.71 -39.59 -0.94
C GLY D 9 21.31 -39.78 -0.35
N LEU D 10 20.82 -38.72 0.26
CA LEU D 10 19.47 -38.71 0.81
C LEU D 10 18.43 -38.78 -0.30
N ASN D 11 17.27 -39.32 0.03
CA ASN D 11 16.16 -39.44 -0.89
C ASN D 11 15.15 -38.36 -0.55
N TYR D 12 15.04 -37.38 -1.42
CA TYR D 12 13.99 -36.40 -1.25
C TYR D 12 12.70 -36.96 -1.83
N GLY D 13 11.58 -36.54 -1.28
CA GLY D 13 10.34 -37.16 -1.69
C GLY D 13 10.04 -38.47 -1.00
N SER D 14 8.83 -38.58 -0.45
CA SER D 14 8.30 -39.80 0.14
C SER D 14 7.05 -40.21 -0.62
N PHE D 15 6.72 -41.50 -0.60
CA PHE D 15 5.69 -42.04 -1.48
C PHE D 15 4.75 -42.96 -0.71
N THR D 16 3.48 -42.97 -1.14
CA THR D 16 2.53 -43.91 -0.56
C THR D 16 2.86 -45.32 -1.03
N LYS D 17 2.08 -46.29 -0.56
CA LYS D 17 2.29 -47.67 -0.97
C LYS D 17 2.02 -47.86 -2.46
N GLU D 18 1.19 -47.01 -3.06
CA GLU D 18 0.94 -47.06 -4.50
C GLU D 18 1.89 -46.18 -5.29
N HIS D 19 3.01 -45.76 -4.68
CA HIS D 19 4.07 -45.00 -5.33
C HIS D 19 3.64 -43.58 -5.70
N VAL D 20 2.60 -43.03 -5.06
CA VAL D 20 2.18 -41.66 -5.32
C VAL D 20 3.01 -40.72 -4.46
N LEU D 21 3.49 -39.64 -5.08
CA LEU D 21 4.28 -38.67 -4.33
C LEU D 21 3.41 -38.00 -3.28
N LEU D 22 3.91 -37.90 -2.06
CA LEU D 22 3.22 -37.12 -1.05
C LEU D 22 3.65 -35.67 -1.18
N THR D 23 2.75 -34.76 -0.84
CA THR D 23 2.96 -33.34 -1.07
C THR D 23 4.30 -32.92 -0.49
N PRO D 24 5.24 -32.46 -1.33
CA PRO D 24 6.59 -32.24 -0.84
C PRO D 24 6.65 -31.01 0.06
N LYS D 25 7.49 -31.09 1.07
CA LYS D 25 7.72 -30.02 2.02
C LYS D 25 9.18 -29.60 1.95
N GLY D 26 9.43 -28.32 2.18
CA GLY D 26 10.78 -27.80 2.17
C GLY D 26 11.43 -27.75 0.81
N TYR D 27 10.67 -27.94 -0.27
CA TYR D 27 11.24 -27.84 -1.61
C TYR D 27 11.76 -26.44 -1.92
N ARG D 28 11.32 -25.41 -1.21
CA ARG D 28 11.86 -24.07 -1.45
C ARG D 28 13.32 -23.95 -1.03
N GLU D 29 13.80 -24.89 -0.23
CA GLU D 29 15.21 -24.98 0.13
C GLU D 29 15.95 -25.99 -0.75
N TRP D 30 15.31 -26.47 -1.83
CA TRP D 30 16.02 -27.24 -2.83
C TRP D 30 16.83 -26.31 -3.72
N VAL D 31 17.31 -26.80 -4.87
CA VAL D 31 18.15 -26.01 -5.75
C VAL D 31 17.29 -25.47 -6.89
N PHE D 32 17.16 -24.14 -6.90
CA PHE D 32 16.40 -23.47 -7.95
C PHE D 32 17.15 -23.60 -9.26
N ILE D 33 16.44 -23.93 -10.33
CA ILE D 33 17.10 -24.10 -11.63
C ILE D 33 16.61 -23.13 -12.69
N GLY D 34 15.54 -22.39 -12.46
CA GLY D 34 15.07 -21.40 -13.41
C GLY D 34 13.63 -21.02 -13.18
N ALA D 35 13.29 -19.80 -13.65
CA ALA D 35 11.93 -19.26 -13.57
C ALA D 35 11.51 -18.66 -14.90
N SER D 36 10.24 -18.89 -15.27
CA SER D 36 9.62 -18.32 -16.45
C SER D 36 8.28 -17.71 -16.07
N VAL D 37 7.66 -16.99 -17.01
CA VAL D 37 6.36 -16.38 -16.77
C VAL D 37 5.50 -16.43 -18.03
N THR D 38 4.30 -17.02 -17.93
CA THR D 38 3.27 -16.95 -18.95
C THR D 38 2.09 -16.16 -18.39
N PRO D 39 2.08 -14.84 -18.53
CA PRO D 39 1.00 -14.04 -17.94
C PRO D 39 -0.35 -14.32 -18.60
N ASN D 40 -1.41 -14.21 -17.80
CA ASN D 40 -2.77 -14.38 -18.30
C ASN D 40 -3.07 -13.44 -19.48
N GLU D 41 -2.70 -12.16 -19.35
CA GLU D 41 -3.07 -11.18 -20.37
C GLU D 41 -2.44 -11.44 -21.73
N LEU D 42 -1.41 -12.28 -21.81
CA LEU D 42 -0.83 -12.64 -23.09
C LEU D 42 -1.37 -13.98 -23.59
N ASN D 43 -2.44 -14.49 -23.00
CA ASN D 43 -2.94 -15.82 -23.34
C ASN D 43 -4.46 -15.82 -23.20
N ASP D 44 -5.10 -14.80 -23.78
CA ASP D 44 -6.56 -14.66 -23.80
C ASP D 44 -7.16 -14.81 -22.41
N ASP D 45 -6.45 -14.29 -21.41
CA ASP D 45 -6.89 -14.15 -20.03
C ASP D 45 -7.09 -15.49 -19.31
N LYS D 46 -6.64 -16.61 -19.90
CA LYS D 46 -6.46 -17.84 -19.13
C LYS D 46 -5.18 -18.52 -19.64
N ALA D 47 -4.05 -18.16 -19.04
CA ALA D 47 -2.86 -18.94 -19.24
C ALA D 47 -3.11 -20.38 -18.79
N ALA D 48 -2.48 -21.32 -19.48
CA ALA D 48 -2.67 -22.72 -19.13
C ALA D 48 -2.10 -23.03 -17.75
N PHE D 49 -1.12 -22.25 -17.30
CA PHE D 49 -0.50 -22.44 -15.99
C PHE D 49 -0.19 -21.06 -15.42
N PRO D 50 -1.13 -20.45 -14.71
CA PRO D 50 -0.95 -19.07 -14.25
C PRO D 50 -0.06 -19.02 -13.02
N GLU D 51 0.98 -18.16 -13.04
CA GLU D 51 1.44 -17.40 -14.20
C GLU D 51 2.98 -17.47 -14.24
N PHE D 52 3.60 -16.96 -13.16
CA PHE D 52 5.02 -17.21 -12.89
C PHE D 52 5.23 -18.69 -12.54
N HIS D 53 6.41 -19.22 -12.93
CA HIS D 53 6.81 -20.60 -12.61
C HIS D 53 8.22 -20.58 -12.02
N ASN D 54 8.38 -20.99 -10.76
CA ASN D 54 9.69 -21.14 -10.13
C ASN D 54 9.98 -22.63 -9.98
N VAL D 55 11.17 -23.06 -10.41
CA VAL D 55 11.42 -24.49 -10.57
C VAL D 55 12.63 -24.91 -9.74
N TYR D 56 12.49 -26.07 -9.08
CA TYR D 56 13.51 -26.60 -8.20
C TYR D 56 13.78 -28.07 -8.49
N ILE D 57 15.04 -28.46 -8.26
CA ILE D 57 15.47 -29.86 -8.30
C ILE D 57 16.02 -30.23 -6.93
N ASP D 58 15.73 -31.46 -6.49
CA ASP D 58 16.13 -31.87 -5.15
C ASP D 58 17.65 -31.85 -5.04
N PRO D 59 18.19 -31.57 -3.84
CA PRO D 59 19.66 -31.37 -3.72
C PRO D 59 20.50 -32.55 -4.15
N THR D 60 20.08 -33.78 -3.81
CA THR D 60 20.83 -34.96 -4.19
C THR D 60 20.96 -35.07 -5.71
N SER D 61 19.84 -34.92 -6.42
CA SER D 61 19.88 -35.03 -7.88
C SER D 61 20.66 -33.88 -8.51
N TRP D 62 20.69 -32.72 -7.84
CA TRP D 62 21.60 -31.65 -8.28
C TRP D 62 23.05 -32.12 -8.26
N GLY D 63 23.48 -32.74 -7.15
CA GLY D 63 24.83 -33.29 -7.07
C GLY D 63 25.11 -34.27 -8.18
N HIS D 64 24.18 -35.20 -8.43
CA HIS D 64 24.38 -36.14 -9.52
C HIS D 64 24.39 -35.45 -10.87
N TRP D 65 23.59 -34.40 -11.05
CA TRP D 65 23.59 -33.69 -12.34
C TRP D 65 24.92 -32.98 -12.59
N LYS D 66 25.53 -32.45 -11.52
CA LYS D 66 26.83 -31.79 -11.67
C LYS D 66 27.92 -32.79 -12.10
N LYS D 67 27.87 -34.01 -11.56
CA LYS D 67 28.91 -34.97 -11.89
C LYS D 67 28.69 -35.58 -13.28
N THR D 68 27.44 -35.67 -13.74
CA THR D 68 27.14 -36.43 -14.95
C THR D 68 26.27 -35.75 -15.99
N GLY D 69 25.65 -34.61 -15.69
CA GLY D 69 24.72 -34.03 -16.66
C GLY D 69 23.51 -34.89 -16.96
N GLU D 70 23.12 -35.76 -16.04
CA GLU D 70 21.98 -36.64 -16.24
C GLU D 70 21.07 -36.64 -15.02
N PHE D 71 19.82 -37.04 -15.26
CA PHE D 71 18.80 -37.07 -14.22
C PHE D 71 18.81 -38.42 -13.52
N ARG D 72 19.33 -38.43 -12.30
CA ARG D 72 19.44 -39.66 -11.51
C ARG D 72 18.06 -40.27 -11.26
N ASP D 73 18.03 -41.60 -11.11
CA ASP D 73 16.85 -42.26 -10.58
C ASP D 73 16.54 -41.72 -9.18
N GLY D 74 15.30 -41.27 -8.97
CA GLY D 74 14.94 -40.57 -7.76
C GLY D 74 14.97 -39.06 -7.86
N THR D 75 15.14 -38.52 -9.06
CA THR D 75 15.09 -37.08 -9.28
C THR D 75 13.66 -36.59 -9.11
N VAL D 76 13.49 -35.59 -8.25
CA VAL D 76 12.22 -34.88 -8.06
C VAL D 76 12.42 -33.45 -8.53
N ILE D 77 11.55 -33.01 -9.43
CA ILE D 77 11.49 -31.62 -9.85
C ILE D 77 10.15 -31.06 -9.44
N VAL D 78 10.16 -29.89 -8.81
CA VAL D 78 8.94 -29.19 -8.40
C VAL D 78 8.85 -27.88 -9.15
N LYS D 79 7.68 -27.60 -9.71
CA LYS D 79 7.39 -26.32 -10.34
C LYS D 79 6.34 -25.63 -9.48
N GLU D 80 6.69 -24.44 -8.96
CA GLU D 80 5.80 -23.66 -8.11
C GLU D 80 5.23 -22.50 -8.93
N LEU D 81 3.92 -22.39 -8.92
CA LEU D 81 3.21 -21.37 -9.69
C LEU D 81 2.88 -20.19 -8.79
N ALA D 82 2.94 -19.00 -9.37
CA ALA D 82 2.55 -17.79 -8.67
C ALA D 82 1.93 -16.80 -9.66
N GLY D 83 1.09 -15.91 -9.15
CA GLY D 83 0.44 -14.94 -10.01
C GLY D 83 1.34 -13.75 -10.28
N VAL D 84 0.99 -13.00 -11.33
CA VAL D 84 1.65 -11.73 -11.57
C VAL D 84 1.10 -10.72 -10.57
N GLY D 85 1.99 -10.03 -9.86
CA GLY D 85 1.60 -9.12 -8.80
C GLY D 85 1.57 -7.68 -9.25
N SER D 86 2.42 -7.32 -10.21
CA SER D 86 2.29 -6.04 -10.89
C SER D 86 3.09 -6.09 -12.18
N LYS D 87 2.96 -5.04 -12.97
CA LYS D 87 3.59 -4.96 -14.28
C LYS D 87 4.58 -3.81 -14.40
N ALA D 88 4.80 -3.04 -13.34
CA ALA D 88 5.72 -1.92 -13.40
C ALA D 88 6.23 -1.67 -11.99
N SER D 89 7.51 -1.38 -11.88
CA SER D 89 8.17 -1.17 -10.61
C SER D 89 9.28 -0.15 -10.85
N PRO D 90 9.97 0.30 -9.80
CA PRO D 90 11.06 1.27 -10.00
C PRO D 90 12.20 0.77 -10.92
N SER D 91 12.28 -0.53 -11.22
CA SER D 91 13.31 -1.02 -12.12
C SER D 91 12.84 -1.03 -13.58
N GLY D 92 11.54 -0.89 -13.84
CA GLY D 92 11.02 -0.70 -15.18
C GLY D 92 9.71 -1.46 -15.38
N ASN D 93 9.29 -1.50 -16.63
CA ASN D 93 8.11 -2.27 -16.98
C ASN D 93 8.48 -3.74 -17.13
N GLY D 94 7.57 -4.60 -16.74
CA GLY D 94 7.78 -6.02 -16.94
C GLY D 94 6.75 -6.82 -16.18
N TYR D 95 7.18 -7.90 -15.54
CA TYR D 95 6.31 -8.68 -14.69
C TYR D 95 7.04 -9.01 -13.41
N PHE D 96 6.31 -8.89 -12.30
CA PHE D 96 6.85 -9.05 -10.98
C PHE D 96 5.81 -9.88 -10.22
N PRO D 97 6.24 -10.79 -9.36
CA PRO D 97 5.32 -11.83 -8.86
C PRO D 97 4.51 -11.37 -7.67
N GLY D 98 3.36 -12.03 -7.50
CA GLY D 98 2.48 -11.73 -6.40
C GLY D 98 2.43 -12.86 -5.39
N GLU D 99 1.35 -13.63 -5.39
CA GLU D 99 1.17 -14.69 -4.40
C GLU D 99 1.32 -16.06 -5.04
N PHE D 100 1.59 -17.05 -4.19
CA PHE D 100 1.75 -18.42 -4.65
C PHE D 100 0.40 -18.99 -5.08
N ASN D 101 0.41 -19.83 -6.11
CA ASN D 101 -0.82 -20.43 -6.65
C ASN D 101 -0.95 -21.93 -6.41
N GLY D 102 0.15 -22.66 -6.40
CA GLY D 102 0.08 -24.11 -6.43
C GLY D 102 1.40 -24.67 -6.93
N ILE D 103 1.42 -26.00 -7.11
CA ILE D 103 2.65 -26.69 -7.49
C ILE D 103 2.33 -27.85 -8.43
N GLN D 104 3.31 -28.17 -9.28
CA GLN D 104 3.39 -29.38 -10.08
C GLN D 104 4.68 -30.12 -9.71
N ALA D 105 4.73 -31.41 -9.99
CA ALA D 105 5.97 -32.16 -9.75
C ALA D 105 6.12 -33.25 -10.80
N MET D 106 7.38 -33.65 -11.03
CA MET D 106 7.66 -34.86 -11.81
C MET D 106 8.77 -35.65 -11.14
N VAL D 107 8.65 -36.99 -11.16
CA VAL D 107 9.56 -37.90 -10.47
C VAL D 107 10.10 -38.90 -11.50
N LYS D 108 11.43 -39.08 -11.54
CA LYS D 108 12.03 -40.07 -12.41
C LYS D 108 12.41 -41.28 -11.56
N ASP D 109 11.80 -42.44 -11.87
CA ASP D 109 12.12 -43.67 -11.14
C ASP D 109 11.82 -44.88 -12.02
N SER D 110 12.89 -45.57 -12.43
CA SER D 110 12.74 -46.76 -13.27
C SER D 110 12.13 -47.91 -12.50
N LYS D 111 12.33 -47.95 -11.17
CA LYS D 111 11.72 -49.00 -10.36
C LYS D 111 10.21 -48.77 -10.20
N ARG D 112 9.82 -47.58 -9.76
CA ARG D 112 8.41 -47.34 -9.43
C ARG D 112 7.55 -47.20 -10.67
N TYR D 113 8.11 -46.69 -11.77
CA TYR D 113 7.34 -46.34 -12.97
C TYR D 113 8.04 -46.87 -14.22
N PRO D 114 8.12 -48.20 -14.37
CA PRO D 114 8.78 -48.74 -15.57
C PRO D 114 7.98 -48.54 -16.85
N GLU D 115 6.67 -48.34 -16.75
CA GLU D 115 5.77 -48.23 -17.89
C GLU D 115 5.62 -46.82 -18.43
N ARG D 116 6.13 -45.84 -17.75
CA ARG D 116 5.83 -44.51 -18.23
C ARG D 116 7.03 -43.93 -18.97
N PRO D 117 6.78 -43.05 -19.94
CA PRO D 117 7.86 -42.53 -20.79
C PRO D 117 8.96 -41.87 -19.98
N GLY D 118 10.20 -42.33 -20.21
CA GLY D 118 11.36 -41.83 -19.51
C GLY D 118 11.38 -42.22 -18.04
N ASN D 119 10.42 -43.06 -17.64
CA ASN D 119 10.23 -43.42 -16.23
C ASN D 119 9.89 -42.21 -15.35
N TRP D 120 9.25 -41.20 -15.95
CA TRP D 120 8.77 -40.02 -15.24
C TRP D 120 7.31 -40.21 -14.87
N ALA D 121 6.97 -39.93 -13.62
CA ALA D 121 5.60 -39.77 -13.18
C ALA D 121 5.31 -38.29 -12.97
N PHE D 122 4.15 -37.84 -13.44
CA PHE D 122 3.74 -36.44 -13.34
C PHE D 122 2.61 -36.32 -12.34
N PHE D 123 2.68 -35.30 -11.49
CA PHE D 123 1.75 -35.18 -10.39
C PHE D 123 1.15 -33.79 -10.36
N GLY D 124 -0.18 -33.73 -10.26
CA GLY D 124 -0.87 -32.52 -9.86
C GLY D 124 -1.18 -32.51 -8.38
N PHE D 125 -1.49 -31.32 -7.86
CA PHE D 125 -1.78 -31.15 -6.45
C PHE D 125 -2.99 -30.26 -6.31
N GLU D 126 -3.98 -30.71 -5.55
CA GLU D 126 -5.25 -30.02 -5.49
C GLU D 126 -5.19 -28.78 -4.60
N SER D 127 -4.29 -28.79 -3.62
CA SER D 127 -4.05 -27.63 -2.79
C SER D 127 -2.69 -27.83 -2.15
N TYR D 128 -2.18 -26.76 -1.55
CA TYR D 128 -1.01 -26.89 -0.70
C TYR D 128 -1.28 -27.76 0.51
N GLU D 129 -2.56 -27.98 0.83
CA GLU D 129 -3.02 -28.69 2.00
C GLU D 129 -3.26 -30.16 1.75
N ALA D 130 -3.25 -30.60 0.49
CA ALA D 130 -3.49 -32.00 0.18
C ALA D 130 -2.39 -32.89 0.75
N LYS D 131 -2.76 -34.13 1.04
CA LYS D 131 -1.81 -35.07 1.63
C LYS D 131 -0.86 -35.63 0.58
N GLN D 132 -1.33 -35.85 -0.64
CA GLN D 132 -0.49 -36.39 -1.69
C GLN D 132 -0.89 -35.78 -3.02
N GLY D 133 -0.15 -36.14 -4.07
CA GLY D 133 -0.47 -35.69 -5.41
C GLY D 133 -1.38 -36.65 -6.13
N ILE D 134 -1.76 -36.25 -7.34
CA ILE D 134 -2.58 -37.06 -8.22
C ILE D 134 -1.75 -37.36 -9.46
N ILE D 135 -1.51 -38.64 -9.71
CA ILE D 135 -0.65 -39.04 -10.82
C ILE D 135 -1.45 -38.89 -12.11
N GLN D 136 -0.80 -38.35 -13.14
CA GLN D 136 -1.44 -37.92 -14.37
C GLN D 136 -1.27 -38.93 -15.49
N THR D 137 -2.26 -38.97 -16.38
CA THR D 137 -2.16 -39.80 -17.57
C THR D 137 -1.09 -39.26 -18.52
N ASP D 138 -0.72 -40.09 -19.48
CA ASP D 138 0.44 -39.79 -20.31
C ASP D 138 0.17 -38.61 -21.25
N GLU D 139 -1.05 -38.48 -21.77
CA GLU D 139 -1.35 -37.40 -22.70
C GLU D 139 -1.51 -36.05 -21.99
N THR D 140 -1.75 -36.05 -20.67
CA THR D 140 -2.03 -34.80 -19.97
C THR D 140 -0.76 -33.99 -19.73
N CYS D 141 0.40 -34.65 -19.62
CA CYS D 141 1.62 -33.96 -19.28
C CYS D 141 2.79 -34.50 -20.09
N ALA D 142 3.01 -35.81 -20.06
CA ALA D 142 4.23 -36.38 -20.64
C ALA D 142 4.31 -36.20 -22.14
N ALA D 143 3.16 -36.15 -22.83
CA ALA D 143 3.16 -35.95 -24.27
C ALA D 143 3.84 -34.63 -24.64
N CYS D 144 3.36 -33.52 -24.06
CA CYS D 144 3.95 -32.21 -24.34
C CYS D 144 5.42 -32.16 -23.93
N HIS D 145 5.79 -32.85 -22.85
CA HIS D 145 7.18 -32.82 -22.39
C HIS D 145 8.09 -33.64 -23.29
N LYS D 146 7.66 -34.82 -23.73
CA LYS D 146 8.49 -35.61 -24.65
C LYS D 146 8.60 -34.92 -26.01
N GLU D 147 7.56 -34.22 -26.42
CA GLU D 147 7.51 -33.61 -27.74
C GLU D 147 8.45 -32.42 -27.86
N HIS D 148 8.78 -31.75 -26.75
CA HIS D 148 9.45 -30.46 -26.88
C HIS D 148 10.61 -30.23 -25.91
N ALA D 149 10.78 -31.03 -24.86
CA ALA D 149 11.81 -30.72 -23.88
C ALA D 149 13.17 -31.09 -24.42
N ALA D 150 14.17 -30.25 -24.12
CA ALA D 150 15.46 -30.37 -24.78
C ALA D 150 16.29 -31.55 -24.28
N HIS D 151 15.94 -32.13 -23.12
CA HIS D 151 16.74 -33.22 -22.56
C HIS D 151 15.90 -34.04 -21.58
N ASP D 152 15.67 -35.31 -21.92
CA ASP D 152 15.10 -36.27 -20.98
C ASP D 152 13.76 -35.80 -20.42
N MET D 153 12.99 -35.06 -21.23
CA MET D 153 11.63 -34.59 -20.92
C MET D 153 11.59 -33.47 -19.89
N VAL D 154 12.74 -32.87 -19.55
CA VAL D 154 12.81 -31.66 -18.72
C VAL D 154 13.20 -30.49 -19.61
N PHE D 155 12.38 -29.44 -19.62
CA PHE D 155 12.60 -28.29 -20.49
C PHE D 155 13.88 -27.53 -20.15
N THR D 156 15.01 -28.21 -20.33
CA THR D 156 16.30 -27.68 -19.92
C THR D 156 16.69 -26.43 -20.70
N GLN D 157 16.03 -26.14 -21.82
CA GLN D 157 16.30 -24.87 -22.51
C GLN D 157 15.83 -23.67 -21.71
N PHE D 158 15.17 -23.87 -20.57
CA PHE D 158 14.71 -22.77 -19.73
C PHE D 158 15.29 -22.84 -18.32
N TYR D 159 16.34 -23.66 -18.11
CA TYR D 159 16.97 -23.82 -16.79
C TYR D 159 18.46 -23.51 -16.97
N PRO D 160 18.80 -22.23 -17.03
CA PRO D 160 20.21 -21.87 -17.19
C PRO D 160 21.10 -22.32 -16.05
N VAL D 161 20.55 -22.49 -14.84
CA VAL D 161 21.31 -23.11 -13.76
C VAL D 161 21.73 -24.51 -14.16
N LEU D 162 20.79 -25.31 -14.67
CA LEU D 162 21.08 -26.68 -15.09
C LEU D 162 22.16 -26.70 -16.17
N ARG D 163 21.98 -25.89 -17.23
CA ARG D 163 22.90 -25.93 -18.37
C ARG D 163 24.31 -25.52 -17.94
N ALA D 164 24.44 -24.49 -17.12
CA ALA D 164 25.74 -24.03 -16.63
C ALA D 164 26.32 -24.94 -15.54
N GLY D 165 25.60 -25.97 -15.11
CA GLY D 165 26.05 -26.80 -14.01
C GLY D 165 26.54 -28.18 -14.40
N LYS D 166 26.21 -28.64 -15.61
CA LYS D 166 26.72 -29.91 -16.09
C LYS D 166 28.22 -29.79 -16.38
N PRO D 167 28.94 -30.92 -16.42
CA PRO D 167 30.37 -30.87 -16.72
C PRO D 167 30.65 -30.82 -18.21
N SER D 168 31.93 -30.60 -18.54
CA SER D 168 32.45 -30.64 -19.91
C SER D 168 31.77 -29.62 -20.82
FE HEC E . -27.47 21.97 18.79
CHA HEC E . -24.24 21.68 17.61
CHB HEC E . -28.50 23.18 15.81
CHC HEC E . -30.77 21.58 19.80
CHD HEC E . -26.44 20.98 21.93
NA HEC E . -26.54 22.24 16.98
C1A HEC E . -25.17 22.35 16.85
C2A HEC E . -24.88 23.28 15.74
C3A HEC E . -26.06 23.67 15.24
C4A HEC E . -27.12 23.04 16.00
CMA HEC E . -26.24 24.64 14.04
CAA HEC E . -23.49 23.71 15.24
CBA HEC E . -23.10 25.04 15.88
CGA HEC E . -22.98 24.97 17.41
O1A HEC E . -22.24 24.12 17.97
O2A HEC E . -23.60 25.82 18.10
NB HEC E . -29.33 22.35 17.99
C1B HEC E . -29.50 22.79 16.69
C2B HEC E . -30.93 22.72 16.38
C3B HEC E . -31.57 22.29 17.48
C4B HEC E . -30.56 22.03 18.51
CMB HEC E . -31.57 23.16 15.04
CAB HEC E . -33.10 22.09 17.63
CBB HEC E . -33.73 21.12 16.59
NC HEC E . -28.43 21.40 20.54
C1C HEC E . -29.80 21.30 20.74
C2C HEC E . -30.03 20.88 22.13
C3C HEC E . -28.82 20.68 22.71
C4C HEC E . -27.81 21.04 21.72
CMC HEC E . -31.44 20.65 22.72
CAC HEC E . -28.43 20.28 24.18
CBC HEC E . -29.36 19.30 24.91
ND HEC E . -25.60 21.40 19.65
C1D HEC E . -25.45 21.02 20.97
C2D HEC E . -24.06 20.70 21.19
C3D HEC E . -23.36 20.92 19.85
C4D HEC E . -24.40 21.34 18.94
CMD HEC E . -23.41 20.25 22.52
CAD HEC E . -21.85 20.73 19.51
CBD HEC E . -21.33 19.34 19.88
CGD HEC E . -21.89 18.31 18.96
O1D HEC E . -22.35 17.26 19.47
O2D HEC E . -21.90 18.52 17.71
N HOA F . -27.48 19.57 17.55
O HOA F . -26.63 18.51 17.98
FE HEC G . -2.42 7.63 6.33
CHA HEC G . -5.49 9.12 6.38
CHB HEC G . -1.01 10.56 5.36
CHC HEC G . 0.79 6.38 7.10
CHD HEC G . -3.71 4.65 7.23
NA HEC G . -3.11 9.58 6.06
C1A HEC G . -4.45 9.83 5.83
C2A HEC G . -4.56 10.96 4.92
C3A HEC G . -3.31 11.37 4.64
C4A HEC G . -2.38 10.50 5.34
CMA HEC G . -2.93 12.56 3.73
CAA HEC G . -5.89 11.58 4.40
CBA HEC G . -6.27 11.05 3.00
CGA HEC G . -6.70 9.59 3.06
O1A HEC G . -6.27 8.80 2.16
O2A HEC G . -7.45 9.14 3.98
NB HEC G . -0.50 8.31 6.26
C1B HEC G . -0.15 9.58 5.84
C2B HEC G . 1.27 9.75 5.99
C3B HEC G . 1.79 8.60 6.45
C4B HEC G . 0.68 7.68 6.64
CMB HEC G . 2.02 11.03 5.58
CAB HEC G . 3.29 8.26 6.72
CBB HEC G . 3.91 9.18 7.78
NC HEC G . -1.59 5.85 7.06
C1C HEC G . -0.27 5.52 7.27
C2C HEC G . -0.20 4.16 7.79
C3C HEC G . -1.46 3.65 7.77
C4C HEC G . -2.34 4.73 7.33
CMC HEC G . 1.16 3.46 8.02
CAC HEC G . -2.04 2.22 8.05
CBC HEC G . -1.27 1.30 9.04
ND HEC G . -4.29 7.00 6.76
C1D HEC G . -4.61 5.68 7.08
C2D HEC G . -6.05 5.56 7.22
C3D HEC G . -6.61 6.96 6.95
C4D HEC G . -5.45 7.77 6.68
CMD HEC G . -6.84 4.29 7.55
CAD HEC G . -8.10 7.42 6.95
CBD HEC G . -8.85 7.07 8.24
CGD HEC G . -8.35 7.89 9.39
O1D HEC G . -8.38 9.14 9.30
O2D HEC G . -7.96 7.30 10.43
N HOA H . -2.67 8.73 8.84
O HOA H . -3.67 8.63 9.86
FE HEC I . 18.34 -2.86 -7.20
CHA HEC I . 16.57 -5.81 -7.03
CHB HEC I . 21.11 -4.45 -6.14
CHC HEC I . 20.25 -0.12 -8.17
CHD HEC I . 15.50 -1.16 -7.89
NA HEC I . 18.79 -4.83 -6.79
C1A HEC I . 17.84 -5.79 -6.51
C2A HEC I . 18.43 -6.76 -5.60
C3A HEC I . 19.69 -6.38 -5.35
C4A HEC I . 19.93 -5.17 -6.11
CMA HEC I . 20.71 -7.10 -4.44
CAA HEC I . 17.74 -7.99 -4.97
CBA HEC I . 17.36 -7.67 -3.53
CGA HEC I . 16.29 -6.59 -3.45
O1A HEC I . 16.45 -5.57 -2.72
O2A HEC I . 15.24 -6.73 -4.11
NB HEC I . 20.31 -2.34 -7.11
C1B HEC I . 21.30 -3.24 -6.77
C2B HEC I . 22.56 -2.72 -7.20
C3B HEC I . 22.38 -1.51 -7.73
C4B HEC I . 20.94 -1.24 -7.72
CMB HEC I . 23.92 -3.42 -6.95
CAB HEC I . 23.57 -0.68 -8.32
CBB HEC I . 23.81 0.69 -7.70
NC HEC I . 17.96 -0.99 -7.91
C1C HEC I . 18.86 0.01 -8.21
C2C HEC I . 18.12 1.20 -8.57
C3C HEC I . 16.79 0.90 -8.57
C4C HEC I . 16.69 -0.48 -8.10
CMC HEC I . 18.85 2.48 -9.05
CAC HEC I . 15.49 1.75 -8.78
CBC HEC I . 15.64 2.89 -9.84
ND HEC I . 16.33 -3.43 -7.40
C1D HEC I . 15.34 -2.51 -7.73
C2D HEC I . 14.08 -3.22 -7.87
C3D HEC I . 14.37 -4.70 -7.62
C4D HEC I . 15.80 -4.72 -7.34
CMD HEC I . 12.71 -2.61 -8.20
CAD HEC I . 13.29 -5.82 -7.67
CBD HEC I . 13.60 -7.00 -8.63
CGD HEC I . 13.77 -6.60 -10.08
O1D HEC I . 14.47 -7.31 -10.90
O2D HEC I . 13.19 -5.55 -10.42
N HOA J . 18.35 -3.67 -9.77
O HOA J . 18.16 -4.82 -10.57
FE HEC K . 4.78 -29.00 -17.83
CHA HEC K . 7.30 -26.89 -16.88
CHB HEC K . 4.71 -30.40 -14.80
CHC HEC K . 1.72 -30.55 -18.61
CHD HEC K . 4.85 -27.73 -21.01
NA HEC K . 5.74 -28.58 -16.07
C1A HEC K . 6.97 -27.95 -16.05
C2A HEC K . 7.79 -28.58 -15.02
C3A HEC K . 7.06 -29.55 -14.46
C4A HEC K . 5.76 -29.56 -15.10
CMA HEC K . 7.49 -30.48 -13.31
CAA HEC K . 9.25 -28.22 -14.65
CBA HEC K . 10.18 -29.21 -15.37
CGA HEC K . 10.27 -28.97 -16.86
O1A HEC K . 10.22 -27.80 -17.33
O2A HEC K . 10.40 -29.96 -17.63
NB HEC K . 3.46 -30.26 -16.92
C1B HEC K . 3.63 -30.67 -15.62
C2B HEC K . 2.46 -31.41 -15.21
C3B HEC K . 1.62 -31.47 -16.24
C4B HEC K . 2.24 -30.75 -17.35
CMB HEC K . 2.27 -32.06 -13.81
CAB HEC K . 0.25 -32.21 -16.28
CBB HEC K . -0.79 -31.76 -15.23
NC HEC K . 3.51 -29.13 -19.49
C1C HEC K . 2.31 -29.81 -19.61
C2C HEC K . 1.74 -29.51 -20.91
C3C HEC K . 2.67 -28.85 -21.62
C4C HEC K . 3.76 -28.52 -20.71
CMC HEC K . 0.49 -30.26 -21.48
CAC HEC K . 2.59 -28.39 -23.11
CBC HEC K . 1.29 -27.64 -23.45
ND HEC K . 5.89 -27.51 -18.79
C1D HEC K . 5.76 -27.19 -20.13
C2D HEC K . 6.75 -26.18 -20.48
C3D HEC K . 7.53 -25.92 -19.19
C4D HEC K . 6.92 -26.79 -18.19
CMD HEC K . 6.97 -25.54 -21.86
CAD HEC K . 8.72 -24.94 -18.97
CBD HEC K . 8.34 -23.54 -19.45
CGD HEC K . 7.38 -22.91 -18.49
O1D HEC K . 7.62 -22.97 -17.24
O2D HEC K . 6.36 -22.34 -18.96
N HOA L . 3.67 -26.93 -16.49
O HOA L . 3.61 -25.52 -16.61
#